data_7YSL
#
_entry.id   7YSL
#
_cell.length_a   68.380
_cell.length_b   85.478
_cell.length_c   123.091
_cell.angle_alpha   90.000
_cell.angle_beta   90.000
_cell.angle_gamma   90.000
#
_symmetry.space_group_name_H-M   'P 21 21 21'
#
loop_
_entity.id
_entity.type
_entity.pdbx_description
1 polymer 'D-Cysteine desulfhydrase'
2 non-polymer 'FORMIC ACID'
3 non-polymer 1,2-ETHANEDIOL
4 water water
#
_entity_poly.entity_id   1
_entity_poly.type   'polypeptide(L)'
_entity_poly.pdbx_seq_one_letter_code
;MGSSHHHHHHSSGLVPRGSHMASMTGGQQMGRGSMHLARFPRLSLGHFPTPLEVLPNLSAYLGGPTIYIKRDDATGLATG
GN(EXA)TRKLEFLLADAQQQGADVIITQGATQSNHVRQTIAAAAKLGLKTKVLLEKRVEDYGEDYQRSGNVLLDNLLGG
DIIDHLPAGTDMQQAMETLAESLRKEGFKPYVIPGGGSSPVGALGYVACAEELLFQSSQQRLRIDHIVHATGSTGTQAGL
VTGLAATHSQIPLLGISVRAPKAKQEENVYALAQRTWQLLGIPGELPRSAVRVNSDYVGKGYGIPTEGTLEALRLLAQLE
GILLDPVYSGKGMAGLIDLIRQGHFRADENIVFIHTGGSAGLFGYRQLFEQTAAQ
;
_entity_poly.pdbx_strand_id   A,B
#
loop_
_chem_comp.id
_chem_comp.type
_chem_comp.name
_chem_comp.formula
EDO non-polymer 1,2-ETHANEDIOL 'C2 H6 O2'
FMT non-polymer 'FORMIC ACID' 'C H2 O2'
#
# COMPACT_ATOMS: atom_id res chain seq x y z
N THR A 25 -12.84 -23.29 -23.77
CA THR A 25 -12.91 -21.84 -23.70
C THR A 25 -13.78 -21.28 -24.82
N GLY A 26 -14.34 -22.19 -25.61
CA GLY A 26 -15.24 -21.78 -26.69
C GLY A 26 -14.62 -20.73 -27.58
N GLY A 27 -15.33 -19.62 -27.77
CA GLY A 27 -14.85 -18.56 -28.61
C GLY A 27 -14.21 -17.41 -27.84
N GLN A 28 -13.81 -17.67 -26.60
CA GLN A 28 -13.10 -16.65 -25.83
C GLN A 28 -11.89 -16.17 -26.59
N GLN A 29 -11.66 -14.85 -26.54
CA GLN A 29 -10.59 -14.22 -27.30
C GLN A 29 -9.79 -13.30 -26.38
N MET A 30 -9.01 -13.91 -25.50
CA MET A 30 -8.10 -13.17 -24.64
C MET A 30 -7.16 -12.30 -25.47
N GLY A 31 -7.03 -11.03 -25.09
CA GLY A 31 -6.14 -10.11 -25.76
C GLY A 31 -6.79 -9.21 -26.80
N ARG A 32 -8.03 -9.50 -27.19
CA ARG A 32 -8.72 -8.61 -28.13
C ARG A 32 -8.91 -7.23 -27.54
N GLY A 33 -9.23 -7.15 -26.24
CA GLY A 33 -9.24 -5.87 -25.56
C GLY A 33 -7.87 -5.20 -25.55
N SER A 34 -6.82 -5.94 -25.18
CA SER A 34 -5.47 -5.37 -25.19
C SER A 34 -5.11 -4.84 -26.57
N MET A 35 -5.57 -5.52 -27.62
CA MET A 35 -5.23 -5.07 -28.97
C MET A 35 -5.81 -3.69 -29.26
N HIS A 36 -7.09 -3.49 -28.93
CA HIS A 36 -7.69 -2.16 -29.06
C HIS A 36 -7.02 -1.15 -28.12
N LEU A 37 -6.71 -1.57 -26.89
CA LEU A 37 -6.08 -0.69 -25.91
C LEU A 37 -4.72 -0.21 -26.36
N ALA A 38 -4.01 -1.02 -27.15
CA ALA A 38 -2.63 -0.71 -27.49
C ALA A 38 -2.50 0.64 -28.20
N ARG A 39 -3.56 1.10 -28.86
CA ARG A 39 -3.48 2.34 -29.62
C ARG A 39 -3.65 3.59 -28.75
N PHE A 40 -3.78 3.43 -27.44
CA PHE A 40 -4.02 4.58 -26.58
C PHE A 40 -2.79 4.91 -25.75
N PRO A 41 -2.51 6.19 -25.51
CA PRO A 41 -1.35 6.52 -24.68
C PRO A 41 -1.63 6.16 -23.23
N ARG A 42 -0.58 5.74 -22.53
CA ARG A 42 -0.71 5.25 -21.16
C ARG A 42 0.57 5.57 -20.43
N LEU A 43 0.46 6.21 -19.27
CA LEU A 43 1.64 6.45 -18.44
C LEU A 43 1.77 5.37 -17.39
N SER A 44 3.00 5.17 -16.90
CA SER A 44 3.27 4.18 -15.86
C SER A 44 3.20 4.85 -14.48
N LEU A 45 2.12 4.59 -13.75
CA LEU A 45 1.89 5.22 -12.46
C LEU A 45 1.70 4.22 -11.33
N GLY A 46 1.55 2.93 -11.64
CA GLY A 46 1.31 1.94 -10.61
C GLY A 46 2.18 0.72 -10.86
N HIS A 47 2.03 -0.27 -9.98
CA HIS A 47 2.78 -1.51 -10.04
C HIS A 47 1.86 -2.59 -10.61
N PHE A 48 1.99 -2.87 -11.91
CA PHE A 48 1.11 -3.82 -12.56
C PHE A 48 1.91 -4.94 -13.23
N PRO A 49 1.37 -6.17 -13.28
CA PRO A 49 0.07 -6.59 -12.74
C PRO A 49 0.04 -6.65 -11.22
N THR A 50 -1.14 -6.43 -10.61
CA THR A 50 -1.31 -6.63 -9.18
C THR A 50 -1.60 -8.10 -8.90
N PRO A 51 -1.29 -8.57 -7.68
CA PRO A 51 -1.45 -10.00 -7.37
C PRO A 51 -2.91 -10.47 -7.35
N LEU A 52 -3.07 -11.76 -7.63
CA LEU A 52 -4.33 -12.48 -7.50
C LEU A 52 -4.12 -13.60 -6.49
N GLU A 53 -4.70 -13.47 -5.30
CA GLU A 53 -4.41 -14.34 -4.16
C GLU A 53 -5.66 -15.05 -3.66
N VAL A 54 -5.47 -16.25 -3.11
CA VAL A 54 -6.56 -16.97 -2.46
C VAL A 54 -6.69 -16.46 -1.03
N LEU A 55 -7.92 -16.41 -0.52
CA LEU A 55 -8.19 -16.06 0.88
C LEU A 55 -8.66 -17.34 1.58
N PRO A 56 -7.74 -18.18 2.06
CA PRO A 56 -8.15 -19.51 2.55
C PRO A 56 -8.84 -19.46 3.88
N ASN A 57 -8.47 -18.54 4.76
CA ASN A 57 -9.12 -18.46 6.06
C ASN A 57 -10.53 -17.92 5.93
N LEU A 58 -10.73 -16.86 5.14
CA LEU A 58 -12.09 -16.37 4.94
C LEU A 58 -12.93 -17.42 4.23
N SER A 59 -12.36 -18.09 3.23
CA SER A 59 -13.11 -19.10 2.49
C SER A 59 -13.62 -20.20 3.43
N ALA A 60 -12.75 -20.67 4.32
CA ALA A 60 -13.16 -21.76 5.21
C ALA A 60 -14.18 -21.25 6.22
N TYR A 61 -13.95 -20.05 6.77
CA TYR A 61 -14.85 -19.47 7.76
C TYR A 61 -16.28 -19.34 7.22
N LEU A 62 -16.43 -18.96 5.96
CA LEU A 62 -17.77 -18.76 5.43
C LEU A 62 -18.41 -20.05 4.96
N GLY A 63 -17.61 -21.06 4.63
CA GLY A 63 -18.15 -22.38 4.37
C GLY A 63 -18.71 -22.59 2.99
N GLY A 64 -18.44 -21.70 2.04
CA GLY A 64 -18.97 -21.79 0.70
C GLY A 64 -17.88 -21.83 -0.34
N PRO A 65 -17.97 -20.95 -1.34
CA PRO A 65 -17.02 -20.96 -2.45
C PRO A 65 -15.62 -20.53 -2.00
N THR A 66 -14.66 -20.84 -2.85
CA THR A 66 -13.30 -20.36 -2.67
C THR A 66 -13.22 -18.91 -3.13
N ILE A 67 -12.74 -18.02 -2.24
CA ILE A 67 -12.68 -16.59 -2.52
C ILE A 67 -11.24 -16.20 -2.84
N TYR A 68 -11.05 -15.57 -3.99
CA TYR A 68 -9.77 -14.98 -4.41
C TYR A 68 -9.90 -13.47 -4.36
N ILE A 69 -8.77 -12.80 -4.15
CA ILE A 69 -8.78 -11.34 -4.06
C ILE A 69 -7.82 -10.80 -5.11
N LYS A 70 -8.32 -9.91 -5.96
CA LYS A 70 -7.49 -9.18 -6.91
C LYS A 70 -7.04 -7.92 -6.19
N ARG A 71 -5.72 -7.76 -6.03
CA ARG A 71 -5.17 -6.78 -5.07
C ARG A 71 -4.96 -5.42 -5.73
N ASP A 72 -6.05 -4.78 -6.15
CA ASP A 72 -5.91 -3.44 -6.70
C ASP A 72 -5.77 -2.37 -5.62
N ASP A 73 -5.82 -2.77 -4.34
CA ASP A 73 -5.30 -1.90 -3.30
C ASP A 73 -3.78 -1.74 -3.37
N ALA A 74 -3.09 -2.64 -4.07
CA ALA A 74 -1.62 -2.68 -4.06
C ALA A 74 -1.01 -2.11 -5.34
N THR A 75 -1.55 -1.00 -5.81
CA THR A 75 -1.02 -0.37 -7.01
C THR A 75 0.22 0.48 -6.74
N GLY A 76 0.55 0.77 -5.48
CA GLY A 76 1.78 1.48 -5.15
C GLY A 76 1.67 2.98 -5.08
N LEU A 77 0.57 3.59 -5.52
CA LEU A 77 0.47 5.04 -5.65
C LEU A 77 -0.14 5.63 -4.37
N ALA A 78 0.73 6.14 -3.49
CA ALA A 78 0.36 6.80 -2.23
C ALA A 78 -0.70 6.00 -1.46
N THR A 79 -0.34 4.75 -1.17
CA THR A 79 -1.09 3.67 -0.49
C THR A 79 -2.06 2.95 -1.44
N GLY A 80 -2.23 3.41 -2.68
CA GLY A 80 -2.80 2.57 -3.72
C GLY A 80 -4.30 2.73 -3.95
N GLY A 81 -4.78 1.92 -4.89
CA GLY A 81 -6.22 1.92 -5.18
C GLY A 81 -6.59 1.76 -6.65
N ASN A 82 -7.87 1.46 -6.91
CA ASN A 82 -8.37 1.28 -8.27
C ASN A 82 -8.19 2.53 -9.16
N EXA A 83 -8.25 3.71 -8.54
CA EXA A 83 -8.16 4.98 -9.29
CB EXA A 83 -8.41 6.19 -8.39
CG EXA A 83 -9.79 6.13 -7.68
CD EXA A 83 -10.95 6.08 -8.68
CE EXA A 83 -12.30 6.15 -7.94
NZ EXA A 83 -12.44 5.03 -6.99
C4' EXA A 83 -13.65 4.98 -6.13
C4 EXA A 83 -13.61 3.76 -5.39
C3 EXA A 83 -12.71 3.53 -4.36
O3 EXA A 83 -11.80 4.51 -4.04
C2 EXA A 83 -12.66 2.33 -3.65
C2' EXA A 83 -11.73 2.15 -2.64
C5 EXA A 83 -14.50 2.74 -5.70
C6 EXA A 83 -14.46 1.55 -4.98
N1 EXA A 83 -13.50 1.34 -3.96
C5' EXA A 83 -15.47 2.96 -6.71
OP4 EXA A 83 -15.11 2.57 -8.04
P EXA A 83 -15.81 3.41 -9.25
OP1 EXA A 83 -15.90 4.87 -8.91
OP2 EXA A 83 -14.92 3.23 -10.56
OP3 EXA A 83 -17.26 2.75 -9.50
C EXA A 83 -6.77 5.14 -9.97
O EXA A 83 -6.71 5.69 -11.10
N3 EXA A 83 -13.78 6.10 -5.17
C7 EXA A 83 -13.98 7.39 -5.52
C8 EXA A 83 -13.42 8.47 -4.61
C9 EXA A 83 -14.98 7.77 -6.58
O10 EXA A 83 -13.57 9.70 -4.87
O11 EXA A 83 -12.62 8.11 -3.72
N THR A 84 -5.78 4.37 -9.52
CA THR A 84 -4.44 4.39 -10.11
C THR A 84 -4.46 3.89 -11.56
N ARG A 85 -5.23 2.82 -11.81
CA ARG A 85 -5.36 2.31 -13.18
C ARG A 85 -5.98 3.33 -14.12
N LYS A 86 -7.04 4.01 -13.68
CA LYS A 86 -7.69 5.00 -14.53
C LYS A 86 -6.74 6.15 -14.84
N LEU A 87 -5.97 6.58 -13.83
CA LEU A 87 -5.09 7.73 -13.97
C LEU A 87 -3.98 7.51 -15.00
N GLU A 88 -3.49 6.27 -15.15
CA GLU A 88 -2.52 6.00 -16.20
C GLU A 88 -3.04 6.43 -17.58
N PHE A 89 -4.34 6.25 -17.85
CA PHE A 89 -4.88 6.68 -19.13
C PHE A 89 -5.34 8.14 -19.11
N LEU A 90 -5.87 8.60 -17.99
CA LEU A 90 -6.38 9.98 -17.94
C LEU A 90 -5.23 10.97 -18.05
N LEU A 91 -4.14 10.74 -17.32
CA LEU A 91 -3.05 11.69 -17.33
C LEU A 91 -2.20 11.60 -18.58
N ALA A 92 -2.19 10.44 -19.26
CA ALA A 92 -1.59 10.36 -20.59
C ALA A 92 -2.36 11.23 -21.57
N ASP A 93 -3.69 11.13 -21.54
CA ASP A 93 -4.55 11.99 -22.35
C ASP A 93 -4.29 13.47 -22.08
N ALA A 94 -4.25 13.85 -20.80
CA ALA A 94 -3.95 15.24 -20.44
C ALA A 94 -2.63 15.71 -21.03
N GLN A 95 -1.59 14.85 -20.99
CA GLN A 95 -0.30 15.24 -21.57
C GLN A 95 -0.41 15.42 -23.08
N GLN A 96 -1.12 14.50 -23.75
CA GLN A 96 -1.33 14.61 -25.19
C GLN A 96 -2.01 15.92 -25.58
N GLN A 97 -2.83 16.47 -24.69
CA GLN A 97 -3.51 17.72 -24.93
C GLN A 97 -2.72 18.93 -24.45
N GLY A 98 -1.57 18.73 -23.83
CA GLY A 98 -0.80 19.86 -23.35
C GLY A 98 -1.38 20.55 -22.14
N ALA A 99 -2.19 19.85 -21.34
CA ALA A 99 -2.70 20.41 -20.10
C ALA A 99 -1.55 20.85 -19.20
N ASP A 100 -1.75 21.96 -18.49
CA ASP A 100 -0.75 22.42 -17.53
C ASP A 100 -1.29 22.50 -16.11
N VAL A 101 -2.52 22.05 -15.88
CA VAL A 101 -3.06 21.90 -14.53
C VAL A 101 -4.19 20.89 -14.58
N ILE A 102 -4.36 20.14 -13.49
CA ILE A 102 -5.39 19.12 -13.37
C ILE A 102 -6.44 19.62 -12.39
N ILE A 103 -7.72 19.39 -12.72
CA ILE A 103 -8.85 19.67 -11.83
C ILE A 103 -9.60 18.37 -11.59
N THR A 104 -9.93 18.07 -10.33
CA THR A 104 -10.86 16.97 -10.07
C THR A 104 -11.61 17.25 -8.77
N GLN A 105 -12.47 16.31 -8.37
CA GLN A 105 -13.34 16.51 -7.21
C GLN A 105 -13.65 15.18 -6.54
N GLY A 106 -14.03 15.26 -5.27
CA GLY A 106 -14.58 14.11 -4.57
C GLY A 106 -15.12 14.54 -3.22
N ALA A 107 -15.65 13.57 -2.49
CA ALA A 107 -16.03 13.83 -1.10
C ALA A 107 -14.79 14.13 -0.26
N THR A 108 -15.02 14.61 0.97
CA THR A 108 -13.94 14.98 1.87
C THR A 108 -12.85 13.92 1.91
N GLN A 109 -13.24 12.66 2.14
CA GLN A 109 -12.30 11.55 2.29
C GLN A 109 -12.07 10.77 0.98
N SER A 110 -12.27 11.42 -0.17
CA SER A 110 -12.05 10.77 -1.46
C SER A 110 -10.66 10.16 -1.59
N ASN A 111 -10.62 8.89 -2.02
CA ASN A 111 -9.39 8.21 -2.42
C ASN A 111 -8.94 8.67 -3.80
N HIS A 112 -9.90 9.02 -4.67
CA HIS A 112 -9.58 9.46 -6.02
C HIS A 112 -8.80 10.77 -6.00
N VAL A 113 -9.24 11.72 -5.18
CA VAL A 113 -8.55 13.00 -5.06
C VAL A 113 -7.08 12.78 -4.67
N ARG A 114 -6.85 11.95 -3.64
CA ARG A 114 -5.50 11.68 -3.14
C ARG A 114 -4.62 11.05 -4.23
N GLN A 115 -5.14 10.06 -4.94
CA GLN A 115 -4.36 9.41 -5.99
C GLN A 115 -4.08 10.35 -7.17
N THR A 116 -5.05 11.21 -7.52
CA THR A 116 -4.81 12.16 -8.61
C THR A 116 -3.70 13.13 -8.26
N ILE A 117 -3.70 13.64 -7.03
CA ILE A 117 -2.66 14.59 -6.63
C ILE A 117 -1.28 13.94 -6.74
N ALA A 118 -1.14 12.74 -6.18
CA ALA A 118 0.14 12.04 -6.20
C ALA A 118 0.61 11.75 -7.63
N ALA A 119 -0.29 11.24 -8.49
CA ALA A 119 0.08 10.93 -9.86
C ALA A 119 0.42 12.20 -10.63
N ALA A 120 -0.37 13.26 -10.48
CA ALA A 120 -0.04 14.51 -11.18
C ALA A 120 1.29 15.08 -10.70
N ALA A 121 1.59 14.94 -9.40
CA ALA A 121 2.87 15.39 -8.88
C ALA A 121 4.03 14.70 -9.60
N LYS A 122 3.89 13.40 -9.90
CA LYS A 122 4.92 12.67 -10.61
C LYS A 122 5.19 13.26 -11.98
N LEU A 123 4.19 13.91 -12.59
CA LEU A 123 4.32 14.57 -13.89
C LEU A 123 4.71 16.04 -13.76
N GLY A 124 4.94 16.54 -12.55
CA GLY A 124 5.22 17.95 -12.39
C GLY A 124 4.02 18.86 -12.54
N LEU A 125 2.80 18.35 -12.33
CA LEU A 125 1.59 19.14 -12.50
C LEU A 125 0.90 19.36 -11.15
N LYS A 126 0.32 20.53 -11.00
CA LYS A 126 -0.51 20.82 -9.83
C LYS A 126 -1.94 20.32 -10.05
N THR A 127 -2.61 20.01 -8.95
CA THR A 127 -4.00 19.58 -8.96
C THR A 127 -4.84 20.57 -8.16
N LYS A 128 -5.86 21.14 -8.80
CA LYS A 128 -6.85 21.98 -8.14
C LYS A 128 -8.09 21.14 -7.83
N VAL A 129 -8.52 21.16 -6.57
CA VAL A 129 -9.48 20.19 -6.04
C VAL A 129 -10.68 20.91 -5.45
N LEU A 130 -11.88 20.42 -5.77
CA LEU A 130 -13.09 20.76 -5.04
C LEU A 130 -13.54 19.55 -4.24
N LEU A 131 -13.63 19.68 -2.92
CA LEU A 131 -14.20 18.62 -2.10
C LEU A 131 -15.67 18.89 -1.84
N GLU A 132 -16.45 17.83 -1.67
CA GLU A 132 -17.88 17.90 -1.37
C GLU A 132 -18.13 17.39 0.04
N LYS A 133 -18.88 18.15 0.83
CA LYS A 133 -19.19 17.76 2.20
C LYS A 133 -20.35 16.75 2.23
N ARG A 134 -20.11 15.56 1.67
CA ARG A 134 -21.16 14.55 1.62
C ARG A 134 -21.43 13.94 2.98
N VAL A 135 -20.42 13.90 3.87
CA VAL A 135 -20.56 13.34 5.20
C VAL A 135 -20.14 14.41 6.20
N GLU A 136 -20.99 14.69 7.18
CA GLU A 136 -20.66 15.65 8.22
C GLU A 136 -20.40 15.00 9.57
N ASP A 137 -20.55 13.68 9.67
CA ASP A 137 -20.33 12.96 10.90
C ASP A 137 -18.84 12.69 11.11
N TYR A 138 -18.52 12.02 12.23
CA TYR A 138 -17.24 11.41 12.57
C TYR A 138 -16.16 12.42 12.96
N GLY A 139 -16.49 13.70 13.09
CA GLY A 139 -15.65 14.62 13.84
C GLY A 139 -14.38 15.07 13.13
N GLU A 140 -13.37 15.41 13.95
CA GLU A 140 -12.18 16.08 13.46
C GLU A 140 -11.33 15.16 12.58
N ASP A 141 -11.23 13.88 12.95
CA ASP A 141 -10.42 12.97 12.13
C ASP A 141 -11.00 12.82 10.73
N TYR A 142 -12.33 12.93 10.59
CA TYR A 142 -12.90 12.85 9.24
C TYR A 142 -12.53 14.08 8.43
N GLN A 143 -12.47 15.26 9.07
CA GLN A 143 -12.12 16.47 8.35
C GLN A 143 -10.63 16.61 8.09
N ARG A 144 -9.77 16.01 8.91
CA ARG A 144 -8.37 16.37 8.89
C ARG A 144 -7.39 15.20 8.72
N SER A 145 -7.77 13.98 9.07
CA SER A 145 -6.85 12.85 8.93
C SER A 145 -7.17 12.11 7.63
N GLY A 146 -6.75 10.84 7.54
CA GLY A 146 -7.03 10.05 6.34
C GLY A 146 -6.57 10.73 5.06
N ASN A 147 -7.42 10.70 4.04
CA ASN A 147 -7.03 11.21 2.74
C ASN A 147 -6.80 12.72 2.75
N VAL A 148 -7.45 13.46 3.65
CA VAL A 148 -7.21 14.91 3.73
C VAL A 148 -5.77 15.20 4.11
N LEU A 149 -5.26 14.53 5.16
CA LEU A 149 -3.85 14.65 5.53
C LEU A 149 -2.93 14.37 4.35
N LEU A 150 -3.17 13.27 3.64
CA LEU A 150 -2.33 12.90 2.51
C LEU A 150 -2.45 13.93 1.38
N ASP A 151 -3.67 14.38 1.08
CA ASP A 151 -3.87 15.43 0.08
C ASP A 151 -2.95 16.61 0.34
N ASN A 152 -2.89 17.04 1.60
CA ASN A 152 -2.09 18.19 1.98
C ASN A 152 -0.60 17.88 1.87
N LEU A 153 -0.19 16.72 2.40
CA LEU A 153 1.20 16.31 2.30
C LEU A 153 1.68 16.26 0.85
N LEU A 154 0.84 15.73 -0.03
CA LEU A 154 1.18 15.60 -1.44
C LEU A 154 1.07 16.92 -2.19
N GLY A 155 0.64 18.00 -1.54
CA GLY A 155 0.65 19.31 -2.16
C GLY A 155 -0.57 19.65 -2.99
N GLY A 156 -1.72 19.05 -2.70
CA GLY A 156 -2.93 19.40 -3.42
C GLY A 156 -3.41 20.79 -3.05
N ASP A 157 -3.98 21.49 -4.05
CA ASP A 157 -4.58 22.81 -3.85
C ASP A 157 -6.09 22.61 -3.73
N ILE A 158 -6.57 22.52 -2.49
CA ILE A 158 -8.01 22.37 -2.23
C ILE A 158 -8.64 23.75 -2.33
N ILE A 159 -9.37 24.00 -3.42
CA ILE A 159 -9.94 25.32 -3.68
C ILE A 159 -11.12 25.59 -2.75
N ASP A 160 -11.96 24.57 -2.51
CA ASP A 160 -13.23 24.79 -1.82
C ASP A 160 -13.75 23.47 -1.27
N HIS A 161 -14.66 23.57 -0.31
CA HIS A 161 -15.35 22.42 0.29
C HIS A 161 -16.85 22.73 0.16
N LEU A 162 -17.54 22.05 -0.78
CA LEU A 162 -18.86 22.55 -1.21
C LEU A 162 -19.98 21.77 -0.54
N PRO A 163 -21.14 22.42 -0.34
CA PRO A 163 -22.26 21.73 0.32
C PRO A 163 -22.69 20.48 -0.43
N ALA A 164 -23.07 19.46 0.33
CA ALA A 164 -23.63 18.25 -0.25
C ALA A 164 -24.79 18.59 -1.19
N GLY A 165 -24.88 17.84 -2.29
CA GLY A 165 -25.87 18.09 -3.30
C GLY A 165 -25.41 18.99 -4.43
N THR A 166 -24.28 19.68 -4.28
CA THR A 166 -23.74 20.47 -5.37
C THR A 166 -23.47 19.60 -6.58
N ASP A 167 -23.86 20.08 -7.77
CA ASP A 167 -23.40 19.50 -9.03
C ASP A 167 -21.89 19.75 -9.13
N MET A 168 -21.10 18.75 -8.76
CA MET A 168 -19.66 18.97 -8.69
C MET A 168 -19.04 19.10 -10.07
N GLN A 169 -19.62 18.45 -11.08
CA GLN A 169 -19.10 18.58 -12.45
C GLN A 169 -19.23 20.02 -12.94
N GLN A 170 -20.41 20.61 -12.74
CA GLN A 170 -20.61 22.01 -13.15
C GLN A 170 -19.70 22.95 -12.38
N ALA A 171 -19.50 22.71 -11.09
CA ALA A 171 -18.59 23.57 -10.33
C ALA A 171 -17.18 23.48 -10.88
N MET A 172 -16.75 22.28 -11.30
CA MET A 172 -15.42 22.14 -11.89
C MET A 172 -15.34 22.83 -13.24
N GLU A 173 -16.42 22.78 -14.03
CA GLU A 173 -16.40 23.43 -15.33
C GLU A 173 -16.34 24.95 -15.19
N THR A 174 -16.98 25.50 -14.17
CA THR A 174 -16.89 26.94 -13.91
C THR A 174 -15.48 27.33 -13.50
N LEU A 175 -14.84 26.51 -12.66
CA LEU A 175 -13.45 26.74 -12.27
C LEU A 175 -12.51 26.64 -13.46
N ALA A 176 -12.67 25.59 -14.29
CA ALA A 176 -11.85 25.45 -15.48
C ALA A 176 -11.99 26.66 -16.40
N GLU A 177 -13.23 27.12 -16.60
CA GLU A 177 -13.47 28.30 -17.43
C GLU A 177 -12.76 29.53 -16.89
N SER A 178 -12.78 29.71 -15.56
CA SER A 178 -12.03 30.80 -14.95
C SER A 178 -10.52 30.64 -15.17
N LEU A 179 -10.01 29.42 -15.10
CA LEU A 179 -8.58 29.20 -15.27
C LEU A 179 -8.16 29.40 -16.72
N ARG A 180 -8.99 28.99 -17.69
CA ARG A 180 -8.65 29.25 -19.08
C ARG A 180 -8.57 30.75 -19.35
N LYS A 181 -9.41 31.52 -18.65
CA LYS A 181 -9.39 32.98 -18.75
C LYS A 181 -8.05 33.56 -18.27
N GLU A 182 -7.42 32.92 -17.29
CA GLU A 182 -6.09 33.34 -16.86
C GLU A 182 -4.97 32.80 -17.72
N GLY A 183 -5.28 32.03 -18.76
CA GLY A 183 -4.27 31.49 -19.66
C GLY A 183 -3.83 30.06 -19.39
N PHE A 184 -4.37 29.39 -18.38
CA PHE A 184 -4.07 27.99 -18.13
C PHE A 184 -4.79 27.09 -19.14
N LYS A 185 -4.38 25.82 -19.17
CA LYS A 185 -5.00 24.79 -20.01
C LYS A 185 -5.36 23.62 -19.09
N PRO A 186 -6.50 23.71 -18.38
CA PRO A 186 -6.85 22.65 -17.43
C PRO A 186 -7.37 21.39 -18.10
N TYR A 187 -7.17 20.27 -17.41
CA TYR A 187 -7.76 19.00 -17.77
C TYR A 187 -8.66 18.59 -16.61
N VAL A 188 -9.95 18.48 -16.88
CA VAL A 188 -10.96 18.21 -15.85
C VAL A 188 -11.21 16.71 -15.81
N ILE A 189 -10.96 16.10 -14.66
CA ILE A 189 -11.20 14.68 -14.45
C ILE A 189 -12.51 14.55 -13.69
N PRO A 190 -13.50 13.85 -14.24
CA PRO A 190 -14.78 13.70 -13.53
C PRO A 190 -14.59 12.96 -12.21
N GLY A 191 -15.62 13.04 -11.37
CA GLY A 191 -15.62 12.32 -10.11
C GLY A 191 -15.23 10.87 -10.29
N GLY A 192 -14.36 10.37 -9.42
CA GLY A 192 -13.88 9.01 -9.47
C GLY A 192 -13.04 8.67 -10.68
N GLY A 193 -12.69 9.67 -11.51
CA GLY A 193 -12.00 9.40 -12.76
C GLY A 193 -12.80 8.63 -13.79
N SER A 194 -14.14 8.64 -13.70
CA SER A 194 -14.99 7.76 -14.49
C SER A 194 -15.46 8.44 -15.79
N SER A 195 -14.51 8.71 -16.67
CA SER A 195 -14.79 9.05 -18.06
C SER A 195 -14.51 7.83 -18.92
N PRO A 196 -14.86 7.85 -20.22
CA PRO A 196 -14.45 6.72 -21.08
C PRO A 196 -12.94 6.50 -21.07
N VAL A 197 -12.14 7.55 -21.06
CA VAL A 197 -10.69 7.38 -21.02
C VAL A 197 -10.28 6.66 -19.74
N GLY A 198 -10.84 7.09 -18.59
CA GLY A 198 -10.48 6.48 -17.33
C GLY A 198 -10.91 5.03 -17.25
N ALA A 199 -12.09 4.74 -17.78
CA ALA A 199 -12.57 3.36 -17.80
C ALA A 199 -11.65 2.41 -18.57
N LEU A 200 -10.82 2.94 -19.47
CA LEU A 200 -9.86 2.08 -20.16
C LEU A 200 -8.97 1.33 -19.18
N GLY A 201 -8.67 1.93 -18.02
CA GLY A 201 -7.83 1.26 -17.04
C GLY A 201 -8.39 -0.06 -16.56
N TYR A 202 -9.73 -0.20 -16.51
CA TYR A 202 -10.30 -1.46 -16.05
C TYR A 202 -10.64 -2.41 -17.19
N VAL A 203 -10.70 -1.92 -18.44
CA VAL A 203 -10.53 -2.83 -19.57
C VAL A 203 -9.21 -3.59 -19.46
N ALA A 204 -8.13 -2.87 -19.16
CA ALA A 204 -6.83 -3.53 -19.03
C ALA A 204 -6.79 -4.47 -17.82
N CYS A 205 -7.48 -4.12 -16.72
CA CYS A 205 -7.55 -5.03 -15.59
C CYS A 205 -8.26 -6.33 -15.95
N ALA A 206 -9.31 -6.26 -16.76
CA ALA A 206 -9.98 -7.48 -17.19
C ALA A 206 -9.01 -8.40 -17.93
N GLU A 207 -8.21 -7.85 -18.85
CA GLU A 207 -7.24 -8.67 -19.56
C GLU A 207 -6.19 -9.24 -18.62
N GLU A 208 -5.78 -8.45 -17.63
CA GLU A 208 -4.83 -8.91 -16.62
C GLU A 208 -5.37 -10.11 -15.86
N LEU A 209 -6.62 -10.04 -15.43
CA LEU A 209 -7.28 -11.13 -14.70
C LEU A 209 -7.43 -12.38 -15.58
N LEU A 210 -7.81 -12.21 -16.84
CA LEU A 210 -7.88 -13.35 -17.77
C LEU A 210 -6.53 -14.05 -17.91
N PHE A 211 -5.46 -13.28 -18.04
CA PHE A 211 -4.12 -13.85 -18.21
C PHE A 211 -3.68 -14.58 -16.95
N GLN A 212 -3.87 -13.95 -15.79
CA GLN A 212 -3.50 -14.58 -14.51
C GLN A 212 -4.28 -15.86 -14.28
N SER A 213 -5.58 -15.84 -14.52
CA SER A 213 -6.39 -17.04 -14.30
C SER A 213 -5.95 -18.16 -15.25
N SER A 214 -5.58 -17.81 -16.48
CA SER A 214 -4.98 -18.79 -17.38
C SER A 214 -3.67 -19.34 -16.81
N GLN A 215 -2.79 -18.46 -16.32
CA GLN A 215 -1.52 -18.95 -15.79
C GLN A 215 -1.73 -19.83 -14.55
N GLN A 216 -2.78 -19.59 -13.78
CA GLN A 216 -3.04 -20.34 -12.56
C GLN A 216 -4.00 -21.50 -12.77
N ARG A 217 -4.45 -21.74 -14.00
CA ARG A 217 -5.50 -22.74 -14.29
C ARG A 217 -6.69 -22.54 -13.36
N LEU A 218 -7.05 -21.28 -13.15
CA LEU A 218 -8.13 -20.93 -12.24
C LEU A 218 -9.36 -20.57 -13.07
N ARG A 219 -10.45 -21.30 -12.84
CA ARG A 219 -11.73 -20.96 -13.44
C ARG A 219 -12.43 -19.93 -12.57
N ILE A 220 -12.69 -18.75 -13.11
CA ILE A 220 -13.38 -17.70 -12.36
C ILE A 220 -14.86 -17.82 -12.65
N ASP A 221 -15.65 -18.05 -11.60
CA ASP A 221 -17.09 -18.21 -11.77
C ASP A 221 -17.87 -16.92 -11.54
N HIS A 222 -17.31 -15.95 -10.81
CA HIS A 222 -17.96 -14.66 -10.57
C HIS A 222 -16.89 -13.63 -10.21
N ILE A 223 -17.11 -12.38 -10.61
CA ILE A 223 -16.28 -11.24 -10.17
C ILE A 223 -17.22 -10.29 -9.43
N VAL A 224 -16.84 -9.88 -8.22
CA VAL A 224 -17.62 -8.99 -7.37
C VAL A 224 -16.74 -7.84 -6.93
N HIS A 225 -17.31 -6.62 -6.89
CA HIS A 225 -16.55 -5.46 -6.42
C HIS A 225 -17.53 -4.34 -6.07
N ALA A 226 -17.02 -3.36 -5.33
CA ALA A 226 -17.82 -2.18 -4.99
C ALA A 226 -17.89 -1.25 -6.18
N THR A 227 -19.09 -0.71 -6.45
CA THR A 227 -19.33 0.12 -7.62
C THR A 227 -19.91 1.46 -7.19
N GLY A 228 -19.30 2.54 -7.67
CA GLY A 228 -19.67 3.90 -7.28
C GLY A 228 -19.83 4.84 -8.46
N SER A 229 -18.75 5.52 -8.87
CA SER A 229 -18.78 6.45 -10.01
C SER A 229 -18.89 5.73 -11.35
N THR A 230 -18.74 4.41 -11.38
CA THR A 230 -19.10 3.42 -12.42
C THR A 230 -17.92 3.03 -13.32
N GLY A 231 -16.81 3.77 -13.28
CA GLY A 231 -15.73 3.50 -14.23
C GLY A 231 -15.10 2.12 -14.06
N THR A 232 -14.94 1.68 -12.81
CA THR A 232 -14.38 0.34 -12.58
C THR A 232 -15.26 -0.73 -13.24
N GLN A 233 -16.55 -0.74 -12.92
CA GLN A 233 -17.45 -1.76 -13.45
C GLN A 233 -17.63 -1.62 -14.96
N ALA A 234 -17.67 -0.38 -15.45
CA ALA A 234 -17.82 -0.19 -16.89
C ALA A 234 -16.63 -0.76 -17.65
N GLY A 235 -15.41 -0.48 -17.17
CA GLY A 235 -14.23 -1.03 -17.85
C GLY A 235 -14.15 -2.54 -17.81
N LEU A 236 -14.48 -3.14 -16.65
CA LEU A 236 -14.43 -4.59 -16.52
C LEU A 236 -15.42 -5.26 -17.46
N VAL A 237 -16.65 -4.74 -17.53
CA VAL A 237 -17.66 -5.41 -18.35
C VAL A 237 -17.34 -5.25 -19.84
N THR A 238 -16.77 -4.10 -20.22
CA THR A 238 -16.28 -3.87 -21.60
C THR A 238 -15.19 -4.86 -21.94
N GLY A 239 -14.22 -5.03 -21.04
CA GLY A 239 -13.12 -5.95 -21.32
C GLY A 239 -13.56 -7.40 -21.31
N LEU A 240 -14.50 -7.75 -20.43
CA LEU A 240 -14.98 -9.13 -20.41
C LEU A 240 -15.80 -9.44 -21.66
N ALA A 241 -16.71 -8.53 -22.04
CA ALA A 241 -17.55 -8.78 -23.19
C ALA A 241 -16.76 -8.68 -24.49
N ALA A 242 -15.76 -7.81 -24.55
CA ALA A 242 -14.96 -7.70 -25.77
C ALA A 242 -14.15 -8.98 -26.04
N THR A 243 -13.76 -9.70 -24.99
CA THR A 243 -13.01 -10.94 -25.13
C THR A 243 -13.92 -12.18 -25.17
N HIS A 244 -15.24 -12.00 -25.16
CA HIS A 244 -16.18 -13.12 -25.15
C HIS A 244 -15.92 -14.06 -23.97
N SER A 245 -15.60 -13.48 -22.82
CA SER A 245 -15.41 -14.25 -21.59
C SER A 245 -16.75 -14.38 -20.88
N GLN A 246 -17.12 -15.61 -20.54
CA GLN A 246 -18.40 -15.85 -19.87
C GLN A 246 -18.21 -15.86 -18.35
N ILE A 247 -17.72 -14.73 -17.83
CA ILE A 247 -17.55 -14.55 -16.38
C ILE A 247 -18.58 -13.54 -15.93
N PRO A 248 -19.56 -13.93 -15.10
CA PRO A 248 -20.51 -12.97 -14.56
C PRO A 248 -19.83 -11.97 -13.64
N LEU A 249 -20.28 -10.73 -13.70
CA LEU A 249 -19.72 -9.60 -12.96
C LEU A 249 -20.84 -8.96 -12.16
N LEU A 250 -20.63 -8.74 -10.86
CA LEU A 250 -21.67 -8.16 -10.02
C LEU A 250 -21.12 -6.96 -9.27
N GLY A 251 -21.73 -5.81 -9.47
CA GLY A 251 -21.36 -4.59 -8.75
C GLY A 251 -22.19 -4.44 -7.49
N ILE A 252 -21.52 -4.19 -6.37
CA ILE A 252 -22.18 -3.91 -5.10
C ILE A 252 -22.20 -2.39 -4.94
N SER A 253 -23.39 -1.79 -5.04
CA SER A 253 -23.47 -0.34 -5.02
C SER A 253 -23.04 0.21 -3.66
N VAL A 254 -22.35 1.36 -3.68
CA VAL A 254 -22.01 2.04 -2.45
C VAL A 254 -22.94 3.23 -2.16
N ARG A 255 -23.89 3.52 -3.06
CA ARG A 255 -24.75 4.69 -2.88
C ARG A 255 -26.05 4.57 -3.69
N ALA A 256 -25.97 4.41 -5.01
CA ALA A 256 -27.17 4.53 -5.84
C ALA A 256 -27.97 3.23 -5.86
N PRO A 257 -29.30 3.33 -5.98
CA PRO A 257 -30.13 2.13 -6.15
C PRO A 257 -29.82 1.41 -7.46
N LYS A 258 -30.27 0.15 -7.52
CA LYS A 258 -29.88 -0.77 -8.58
C LYS A 258 -30.10 -0.22 -9.98
N ALA A 259 -31.32 0.26 -10.28
CA ALA A 259 -31.65 0.66 -11.65
C ALA A 259 -30.80 1.84 -12.09
N LYS A 260 -30.66 2.85 -11.23
CA LYS A 260 -29.88 4.03 -11.62
C LYS A 260 -28.41 3.69 -11.80
N GLN A 261 -27.85 2.89 -10.90
CA GLN A 261 -26.46 2.46 -11.04
C GLN A 261 -26.26 1.61 -12.29
N GLU A 262 -27.16 0.66 -12.58
CA GLU A 262 -27.01 -0.15 -13.79
C GLU A 262 -27.08 0.70 -15.05
N GLU A 263 -28.04 1.62 -15.11
CA GLU A 263 -28.14 2.48 -16.29
C GLU A 263 -26.86 3.30 -16.49
N ASN A 264 -26.27 3.82 -15.41
CA ASN A 264 -25.06 4.63 -15.57
C ASN A 264 -23.86 3.77 -15.95
N VAL A 265 -23.71 2.59 -15.34
CA VAL A 265 -22.62 1.70 -15.73
C VAL A 265 -22.72 1.35 -17.21
N TYR A 266 -23.93 1.01 -17.67
CA TYR A 266 -24.13 0.62 -19.06
C TYR A 266 -23.83 1.78 -20.01
N ALA A 267 -24.30 2.98 -19.67
CA ALA A 267 -24.02 4.13 -20.53
C ALA A 267 -22.52 4.40 -20.65
N LEU A 268 -21.80 4.32 -19.54
CA LEU A 268 -20.36 4.54 -19.63
C LEU A 268 -19.67 3.39 -20.37
N ALA A 269 -20.11 2.15 -20.12
CA ALA A 269 -19.49 1.02 -20.80
C ALA A 269 -19.65 1.13 -22.32
N GLN A 270 -20.83 1.54 -22.78
N GLN A 270 -20.85 1.52 -22.77
CA GLN A 270 -21.00 1.64 -24.23
CA GLN A 270 -21.07 1.70 -24.21
C GLN A 270 -20.19 2.80 -24.81
C GLN A 270 -20.16 2.77 -24.79
N ARG A 271 -19.98 3.87 -24.06
CA ARG A 271 -19.08 4.93 -24.52
C ARG A 271 -17.62 4.45 -24.53
N THR A 272 -17.23 3.62 -23.55
CA THR A 272 -15.88 3.08 -23.54
C THR A 272 -15.69 2.09 -24.71
N TRP A 273 -16.68 1.23 -24.93
CA TRP A 273 -16.72 0.32 -26.06
C TRP A 273 -16.54 1.08 -27.39
N GLN A 274 -17.30 2.16 -27.57
CA GLN A 274 -17.15 2.98 -28.78
C GLN A 274 -15.78 3.65 -28.86
N LEU A 275 -15.29 4.20 -27.74
CA LEU A 275 -13.97 4.83 -27.75
C LEU A 275 -12.89 3.84 -28.22
N LEU A 276 -12.95 2.60 -27.73
CA LEU A 276 -12.00 1.57 -28.13
C LEU A 276 -12.15 1.14 -29.58
N GLY A 277 -13.23 1.52 -30.24
CA GLY A 277 -13.48 1.04 -31.59
C GLY A 277 -13.91 -0.41 -31.65
N ILE A 278 -14.63 -0.89 -30.64
CA ILE A 278 -15.16 -2.26 -30.70
C ILE A 278 -16.46 -2.25 -31.48
N PRO A 279 -16.60 -3.07 -32.52
CA PRO A 279 -17.81 -3.03 -33.35
C PRO A 279 -19.05 -3.47 -32.58
N GLY A 280 -20.21 -3.04 -33.07
CA GLY A 280 -21.46 -3.51 -32.50
C GLY A 280 -21.72 -2.92 -31.13
N GLU A 281 -22.36 -3.73 -30.29
CA GLU A 281 -22.94 -3.23 -29.05
C GLU A 281 -22.68 -4.21 -27.91
N LEU A 282 -22.54 -3.66 -26.71
CA LEU A 282 -22.32 -4.45 -25.50
C LEU A 282 -23.63 -5.09 -25.04
N PRO A 283 -23.61 -6.34 -24.57
CA PRO A 283 -24.86 -6.93 -24.07
C PRO A 283 -25.30 -6.23 -22.79
N ARG A 284 -26.54 -5.72 -22.79
CA ARG A 284 -27.05 -5.00 -21.63
C ARG A 284 -27.13 -5.90 -20.39
N SER A 285 -27.41 -7.18 -20.60
CA SER A 285 -27.55 -8.10 -19.48
C SER A 285 -26.24 -8.37 -18.75
N ALA A 286 -25.10 -8.00 -19.33
CA ALA A 286 -23.83 -8.14 -18.63
C ALA A 286 -23.69 -7.15 -17.49
N VAL A 287 -24.55 -6.14 -17.41
CA VAL A 287 -24.46 -5.09 -16.39
C VAL A 287 -25.45 -5.43 -15.28
N ARG A 288 -24.92 -5.75 -14.10
CA ARG A 288 -25.69 -6.21 -12.95
C ARG A 288 -25.21 -5.51 -11.69
N VAL A 289 -26.15 -4.95 -10.92
CA VAL A 289 -25.82 -4.27 -9.68
C VAL A 289 -26.73 -4.76 -8.56
N ASN A 290 -26.16 -4.93 -7.37
CA ASN A 290 -26.92 -5.23 -6.17
C ASN A 290 -26.80 -4.04 -5.21
N SER A 291 -27.93 -3.40 -4.87
CA SER A 291 -27.91 -2.22 -4.01
C SER A 291 -28.42 -2.50 -2.59
N ASP A 292 -28.41 -3.76 -2.15
CA ASP A 292 -28.87 -4.10 -0.80
C ASP A 292 -27.89 -3.72 0.30
N TYR A 293 -26.70 -3.25 -0.03
CA TYR A 293 -25.65 -3.07 0.97
C TYR A 293 -25.22 -1.61 1.08
N VAL A 294 -26.05 -0.71 0.55
CA VAL A 294 -25.77 0.72 0.62
C VAL A 294 -25.95 1.22 2.05
N GLY A 295 -26.93 0.68 2.78
CA GLY A 295 -27.19 1.20 4.09
C GLY A 295 -27.82 2.59 4.01
N LYS A 296 -27.48 3.44 4.97
CA LYS A 296 -28.15 4.74 5.06
C LYS A 296 -27.64 5.74 4.04
N GLY A 297 -26.51 5.50 3.40
CA GLY A 297 -26.06 6.38 2.34
C GLY A 297 -24.56 6.32 2.14
N TYR A 298 -24.08 7.19 1.25
CA TYR A 298 -22.67 7.23 0.92
C TYR A 298 -21.82 7.53 2.14
N GLY A 299 -20.79 6.72 2.35
CA GLY A 299 -19.86 6.99 3.44
C GLY A 299 -20.38 6.67 4.81
N ILE A 300 -21.54 6.01 4.92
CA ILE A 300 -22.07 5.56 6.20
C ILE A 300 -22.05 4.03 6.22
N PRO A 301 -21.18 3.40 7.01
CA PRO A 301 -21.17 1.93 7.05
C PRO A 301 -22.33 1.38 7.82
N THR A 302 -22.69 0.15 7.46
CA THR A 302 -23.65 -0.61 8.24
C THR A 302 -22.86 -1.45 9.24
N GLU A 303 -23.58 -2.16 10.12
CA GLU A 303 -22.92 -3.15 10.96
C GLU A 303 -22.28 -4.23 10.12
N GLY A 304 -22.88 -4.56 8.98
CA GLY A 304 -22.28 -5.54 8.10
C GLY A 304 -21.01 -5.04 7.42
N THR A 305 -20.96 -3.75 7.09
CA THR A 305 -19.72 -3.15 6.62
C THR A 305 -18.62 -3.31 7.66
N LEU A 306 -18.93 -2.99 8.92
CA LEU A 306 -17.90 -3.04 9.95
C LEU A 306 -17.49 -4.47 10.23
N GLU A 307 -18.44 -5.41 10.19
CA GLU A 307 -18.08 -6.83 10.30
C GLU A 307 -17.14 -7.24 9.17
N ALA A 308 -17.45 -6.86 7.93
CA ALA A 308 -16.55 -7.19 6.82
C ALA A 308 -15.14 -6.67 7.05
N LEU A 309 -15.02 -5.43 7.55
CA LEU A 309 -13.70 -4.89 7.89
C LEU A 309 -12.99 -5.79 8.89
N ARG A 310 -13.68 -6.17 9.96
CA ARG A 310 -13.04 -6.96 11.02
C ARG A 310 -12.62 -8.34 10.52
N LEU A 311 -13.51 -9.01 9.79
CA LEU A 311 -13.20 -10.35 9.29
C LEU A 311 -11.97 -10.34 8.37
N LEU A 312 -11.92 -9.41 7.40
CA LEU A 312 -10.79 -9.45 6.47
C LEU A 312 -9.49 -9.14 7.19
N ALA A 313 -9.53 -8.20 8.15
CA ALA A 313 -8.32 -7.85 8.89
C ALA A 313 -7.86 -9.00 9.78
N GLN A 314 -8.79 -9.62 10.49
CA GLN A 314 -8.42 -10.61 11.49
C GLN A 314 -8.31 -12.04 10.96
N LEU A 315 -8.86 -12.32 9.78
CA LEU A 315 -8.66 -13.62 9.14
C LEU A 315 -7.57 -13.60 8.08
N GLU A 316 -7.38 -12.47 7.39
CA GLU A 316 -6.46 -12.42 6.25
C GLU A 316 -5.43 -11.28 6.33
N GLY A 317 -5.43 -10.48 7.39
CA GLY A 317 -4.52 -9.35 7.45
C GLY A 317 -4.75 -8.30 6.38
N ILE A 318 -5.97 -8.25 5.82
CA ILE A 318 -6.34 -7.38 4.71
C ILE A 318 -7.11 -6.19 5.25
N LEU A 319 -6.73 -4.99 4.81
CA LEU A 319 -7.38 -3.75 5.23
C LEU A 319 -8.37 -3.32 4.15
N LEU A 320 -9.68 -3.36 4.49
CA LEU A 320 -10.73 -2.80 3.66
C LEU A 320 -11.04 -1.38 4.15
N ASP A 321 -12.13 -0.80 3.66
CA ASP A 321 -12.48 0.57 4.05
C ASP A 321 -13.99 0.68 4.24
N PRO A 322 -14.44 1.57 5.12
CA PRO A 322 -15.87 1.58 5.46
C PRO A 322 -16.78 2.24 4.43
N VAL A 323 -16.24 2.89 3.41
CA VAL A 323 -17.04 3.58 2.41
C VAL A 323 -17.31 2.68 1.21
N TYR A 324 -16.28 2.02 0.70
CA TYR A 324 -16.35 1.33 -0.58
C TYR A 324 -16.13 -0.18 -0.46
N SER A 325 -14.85 -0.58 -0.30
CA SER A 325 -14.51 -2.01 -0.36
C SER A 325 -15.14 -2.77 0.80
N GLY A 326 -15.34 -2.12 1.94
CA GLY A 326 -16.04 -2.79 3.03
C GLY A 326 -17.47 -3.13 2.70
N LYS A 327 -18.14 -2.27 1.92
CA LYS A 327 -19.52 -2.58 1.53
C LYS A 327 -19.56 -3.63 0.42
N GLY A 328 -18.60 -3.58 -0.50
CA GLY A 328 -18.48 -4.64 -1.50
C GLY A 328 -18.33 -6.00 -0.86
N MET A 329 -17.43 -6.10 0.13
CA MET A 329 -17.20 -7.38 0.81
C MET A 329 -18.37 -7.78 1.68
N ALA A 330 -19.04 -6.81 2.33
CA ALA A 330 -20.24 -7.17 3.08
C ALA A 330 -21.30 -7.79 2.17
N GLY A 331 -21.44 -7.25 0.95
CA GLY A 331 -22.32 -7.85 -0.03
C GLY A 331 -21.92 -9.27 -0.37
N LEU A 332 -20.65 -9.50 -0.69
CA LEU A 332 -20.17 -10.84 -1.02
C LEU A 332 -20.41 -11.80 0.15
N ILE A 333 -20.04 -11.37 1.35
CA ILE A 333 -20.22 -12.23 2.52
C ILE A 333 -21.69 -12.61 2.69
N ASP A 334 -22.59 -11.63 2.55
CA ASP A 334 -24.01 -11.87 2.78
C ASP A 334 -24.58 -12.80 1.72
N LEU A 335 -24.15 -12.62 0.47
CA LEU A 335 -24.65 -13.47 -0.61
C LEU A 335 -24.17 -14.91 -0.43
N ILE A 336 -22.93 -15.08 0.03
CA ILE A 336 -22.43 -16.41 0.37
C ILE A 336 -23.27 -17.01 1.49
N ARG A 337 -23.47 -16.25 2.57
CA ARG A 337 -24.25 -16.76 3.70
C ARG A 337 -25.66 -17.16 3.30
N GLN A 338 -26.24 -16.48 2.30
CA GLN A 338 -27.57 -16.83 1.82
C GLN A 338 -27.57 -18.04 0.88
N GLY A 339 -26.42 -18.66 0.65
CA GLY A 339 -26.35 -19.86 -0.18
C GLY A 339 -26.37 -19.64 -1.68
N HIS A 340 -25.96 -18.46 -2.16
CA HIS A 340 -26.03 -18.20 -3.59
C HIS A 340 -24.97 -18.96 -4.39
N PHE A 341 -23.91 -19.47 -3.74
CA PHE A 341 -22.79 -20.04 -4.46
C PHE A 341 -22.47 -21.45 -3.99
N ARG A 342 -22.05 -22.31 -4.92
CA ARG A 342 -21.62 -23.66 -4.56
C ARG A 342 -20.21 -23.64 -3.99
N ALA A 343 -19.90 -24.65 -3.16
CA ALA A 343 -18.58 -24.73 -2.56
C ALA A 343 -17.48 -24.90 -3.60
N ASP A 344 -17.80 -25.52 -4.73
CA ASP A 344 -16.79 -25.74 -5.76
C ASP A 344 -16.65 -24.54 -6.69
N GLU A 345 -17.39 -23.46 -6.45
CA GLU A 345 -17.25 -22.26 -7.25
C GLU A 345 -16.10 -21.39 -6.75
N ASN A 346 -15.56 -20.58 -7.65
CA ASN A 346 -14.49 -19.64 -7.33
C ASN A 346 -14.95 -18.23 -7.62
N ILE A 347 -14.76 -17.33 -6.64
CA ILE A 347 -15.17 -15.92 -6.75
C ILE A 347 -13.93 -15.03 -6.70
N VAL A 348 -13.85 -14.07 -7.61
CA VAL A 348 -12.79 -13.07 -7.52
C VAL A 348 -13.41 -11.78 -7.01
N PHE A 349 -13.00 -11.36 -5.81
CA PHE A 349 -13.34 -10.05 -5.29
C PHE A 349 -12.23 -9.07 -5.66
N ILE A 350 -12.59 -7.94 -6.26
N ILE A 350 -12.60 -7.95 -6.27
CA ILE A 350 -11.59 -6.93 -6.56
CA ILE A 350 -11.63 -6.90 -6.59
C ILE A 350 -11.50 -5.98 -5.38
C ILE A 350 -11.51 -5.99 -5.36
N HIS A 351 -10.34 -5.99 -4.72
CA HIS A 351 -10.06 -5.04 -3.65
C HIS A 351 -9.70 -3.72 -4.33
N THR A 352 -10.63 -2.78 -4.29
CA THR A 352 -10.46 -1.50 -4.96
C THR A 352 -9.71 -0.47 -4.12
N GLY A 353 -9.31 -0.82 -2.89
CA GLY A 353 -8.45 0.05 -2.11
C GLY A 353 -9.15 0.67 -0.93
N GLY A 354 -8.76 1.91 -0.58
CA GLY A 354 -9.49 2.72 0.39
C GLY A 354 -8.93 2.81 1.79
N SER A 355 -7.89 2.02 2.11
CA SER A 355 -7.44 1.90 3.51
C SER A 355 -6.99 3.24 4.11
N ALA A 356 -6.49 4.16 3.30
CA ALA A 356 -6.19 5.50 3.83
C ALA A 356 -7.41 6.13 4.50
N GLY A 357 -8.61 5.84 3.98
CA GLY A 357 -9.83 6.37 4.58
C GLY A 357 -10.09 5.86 5.98
N LEU A 358 -9.53 4.69 6.35
CA LEU A 358 -9.71 4.15 7.70
C LEU A 358 -9.43 5.22 8.75
N PHE A 359 -8.34 5.96 8.58
CA PHE A 359 -7.93 6.93 9.59
C PHE A 359 -8.90 8.11 9.66
N GLY A 360 -9.64 8.37 8.59
CA GLY A 360 -10.70 9.35 8.66
C GLY A 360 -11.89 8.91 9.50
N TYR A 361 -12.02 7.60 9.75
CA TYR A 361 -13.16 7.04 10.46
C TYR A 361 -12.82 6.61 11.87
N ARG A 362 -11.66 7.03 12.40
CA ARG A 362 -11.21 6.57 13.72
C ARG A 362 -12.28 6.78 14.78
N GLN A 363 -12.98 7.92 14.75
CA GLN A 363 -13.98 8.20 15.77
C GLN A 363 -15.09 7.16 15.77
N LEU A 364 -15.49 6.68 14.59
CA LEU A 364 -16.51 5.64 14.54
C LEU A 364 -16.00 4.31 15.10
N PHE A 365 -14.75 3.96 14.80
CA PHE A 365 -14.19 2.71 15.30
C PHE A 365 -14.07 2.73 16.82
N GLU A 366 -13.73 3.88 17.38
CA GLU A 366 -13.69 3.99 18.84
C GLU A 366 -15.09 3.99 19.43
N GLN A 367 -16.11 4.32 18.63
CA GLN A 367 -17.54 4.32 18.97
C GLN A 367 -17.90 5.65 19.63
N MET B 35 21.46 -20.41 -4.07
CA MET B 35 21.63 -19.68 -2.82
C MET B 35 21.73 -20.62 -1.62
N HIS B 36 22.46 -20.18 -0.59
CA HIS B 36 22.39 -20.84 0.71
C HIS B 36 21.03 -20.68 1.36
N LEU B 37 20.16 -19.81 0.81
CA LEU B 37 18.88 -19.50 1.41
C LEU B 37 17.81 -20.54 1.12
N ALA B 38 17.94 -21.29 0.03
CA ALA B 38 16.91 -22.25 -0.33
C ALA B 38 16.68 -23.27 0.77
N ARG B 39 17.70 -23.53 1.60
CA ARG B 39 17.58 -24.49 2.69
C ARG B 39 16.68 -24.01 3.81
N PHE B 40 16.29 -22.73 3.84
CA PHE B 40 15.53 -22.25 5.00
C PHE B 40 14.05 -22.13 4.67
N PRO B 41 13.19 -22.43 5.64
CA PRO B 41 11.75 -22.31 5.41
C PRO B 41 11.37 -20.84 5.19
N ARG B 42 10.39 -20.61 4.31
CA ARG B 42 9.99 -19.25 3.98
C ARG B 42 8.51 -19.27 3.59
N LEU B 43 7.72 -18.42 4.23
CA LEU B 43 6.32 -18.27 3.84
C LEU B 43 6.16 -17.13 2.83
N SER B 44 5.06 -17.16 2.09
CA SER B 44 4.72 -16.08 1.18
C SER B 44 3.78 -15.14 1.92
N LEU B 45 4.30 -14.01 2.40
CA LEU B 45 3.51 -13.03 3.11
C LEU B 45 3.48 -11.66 2.44
N GLY B 46 4.24 -11.46 1.35
CA GLY B 46 4.29 -10.17 0.69
C GLY B 46 4.42 -10.33 -0.83
N HIS B 47 4.56 -9.18 -1.50
CA HIS B 47 4.56 -9.11 -2.97
C HIS B 47 6.00 -8.85 -3.45
N PHE B 48 6.74 -9.94 -3.66
CA PHE B 48 8.12 -9.85 -4.07
C PHE B 48 8.30 -10.42 -5.46
N PRO B 49 9.27 -9.90 -6.24
CA PRO B 49 10.17 -8.78 -5.93
C PRO B 49 9.47 -7.44 -5.92
N THR B 50 9.93 -6.50 -5.09
CA THR B 50 9.35 -5.16 -5.12
C THR B 50 10.01 -4.34 -6.23
N PRO B 51 9.33 -3.30 -6.72
CA PRO B 51 9.89 -2.52 -7.83
C PRO B 51 11.16 -1.77 -7.45
N LEU B 52 12.01 -1.58 -8.47
CA LEU B 52 13.22 -0.76 -8.39
C LEU B 52 13.05 0.34 -9.44
N GLU B 53 12.81 1.56 -9.00
CA GLU B 53 12.32 2.64 -9.84
C GLU B 53 13.28 3.81 -9.81
N VAL B 54 13.38 4.53 -10.93
CA VAL B 54 14.16 5.75 -10.93
C VAL B 54 13.30 6.86 -10.33
N LEU B 55 13.95 7.78 -9.62
CA LEU B 55 13.30 9.00 -9.14
C LEU B 55 13.78 10.16 -9.98
N PRO B 56 13.17 10.42 -11.14
CA PRO B 56 13.74 11.42 -12.06
C PRO B 56 13.52 12.87 -11.63
N ASN B 57 12.42 13.16 -10.94
CA ASN B 57 12.18 14.53 -10.49
C ASN B 57 13.07 14.88 -9.30
N LEU B 58 13.18 13.99 -8.31
CA LEU B 58 14.11 14.22 -7.21
C LEU B 58 15.54 14.33 -7.72
N SER B 59 15.94 13.43 -8.63
CA SER B 59 17.31 13.48 -9.13
C SER B 59 17.60 14.80 -9.81
N ALA B 60 16.71 15.25 -10.70
CA ALA B 60 16.92 16.54 -11.35
C ALA B 60 16.90 17.69 -10.35
N TYR B 61 16.01 17.62 -9.35
CA TYR B 61 15.90 18.69 -8.36
C TYR B 61 17.23 18.91 -7.64
N LEU B 62 17.89 17.82 -7.23
CA LEU B 62 19.11 17.95 -6.42
C LEU B 62 20.34 18.19 -7.26
N GLY B 63 20.33 17.80 -8.53
CA GLY B 63 21.44 18.13 -9.42
C GLY B 63 22.69 17.31 -9.24
N GLY B 64 22.62 16.18 -8.55
CA GLY B 64 23.78 15.33 -8.34
C GLY B 64 23.64 13.99 -9.02
N PRO B 65 23.74 12.91 -8.24
CA PRO B 65 23.63 11.57 -8.82
C PRO B 65 22.20 11.23 -9.21
N THR B 66 22.06 10.11 -9.93
CA THR B 66 20.76 9.53 -10.23
C THR B 66 20.31 8.70 -9.04
N ILE B 67 19.14 9.02 -8.48
CA ILE B 67 18.60 8.33 -7.31
C ILE B 67 17.53 7.34 -7.78
N TYR B 68 17.67 6.09 -7.36
CA TYR B 68 16.68 5.04 -7.57
C TYR B 68 16.07 4.68 -6.23
N ILE B 69 14.85 4.15 -6.25
CA ILE B 69 14.19 3.74 -5.02
C ILE B 69 13.79 2.27 -5.11
N LYS B 70 14.21 1.50 -4.12
CA LYS B 70 13.76 0.13 -3.93
C LYS B 70 12.51 0.17 -3.08
N ARG B 71 11.38 -0.24 -3.65
CA ARG B 71 10.07 0.02 -3.05
C ARG B 71 9.67 -1.06 -2.05
N ASP B 72 10.44 -1.18 -0.97
CA ASP B 72 10.05 -2.10 0.11
C ASP B 72 8.98 -1.50 1.04
N ASP B 73 8.45 -0.31 0.71
CA ASP B 73 7.15 0.09 1.26
C ASP B 73 6.00 -0.66 0.63
N ALA B 74 6.22 -1.26 -0.55
CA ALA B 74 5.18 -1.86 -1.38
C ALA B 74 5.16 -3.38 -1.26
N THR B 75 5.43 -3.93 -0.07
CA THR B 75 5.36 -5.37 0.15
C THR B 75 3.92 -5.88 0.26
N GLY B 76 2.94 -4.99 0.45
CA GLY B 76 1.55 -5.36 0.40
C GLY B 76 0.92 -5.76 1.73
N LEU B 77 1.70 -5.88 2.80
CA LEU B 77 1.19 -6.40 4.07
C LEU B 77 0.69 -5.23 4.93
N ALA B 78 -0.63 -5.04 4.96
CA ALA B 78 -1.28 -4.02 5.78
C ALA B 78 -0.57 -2.66 5.71
N THR B 79 -0.41 -2.17 4.47
CA THR B 79 0.24 -0.93 4.02
C THR B 79 1.75 -1.11 3.80
N GLY B 80 2.34 -2.25 4.17
CA GLY B 80 3.65 -2.64 3.70
C GLY B 80 4.79 -2.31 4.66
N GLY B 81 6.00 -2.64 4.26
CA GLY B 81 7.19 -2.32 5.03
C GLY B 81 8.28 -3.37 4.94
N ASN B 82 9.48 -2.99 5.37
CA ASN B 82 10.64 -3.87 5.37
C ASN B 82 10.43 -5.09 6.26
N EXA B 83 9.69 -4.93 7.35
CA EXA B 83 9.53 -6.01 8.32
CB EXA B 83 8.72 -5.55 9.53
CG EXA B 83 9.36 -4.37 10.32
CD EXA B 83 10.76 -4.66 10.87
CE EXA B 83 11.28 -3.45 11.68
NZ EXA B 83 11.36 -2.22 10.84
C4' EXA B 83 11.88 -0.97 11.43
C4 EXA B 83 11.96 0.01 10.40
C3 EXA B 83 10.85 0.56 9.75
O3 EXA B 83 9.61 0.17 10.10
C2 EXA B 83 10.95 1.51 8.73
C2' EXA B 83 9.81 2.05 8.11
C5 EXA B 83 13.21 0.44 9.98
C6 EXA B 83 13.32 1.39 8.98
N1 EXA B 83 12.17 1.92 8.35
C5' EXA B 83 14.34 -0.07 10.64
OP4 EXA B 83 15.02 -1.14 10.00
P EXA B 83 15.71 -2.26 10.97
OP1 EXA B 83 15.01 -2.40 12.27
OP2 EXA B 83 15.71 -3.68 10.21
OP3 EXA B 83 17.25 -1.72 11.14
C EXA B 83 8.82 -7.22 7.65
O EXA B 83 8.98 -8.36 8.14
N3 EXA B 83 11.11 -0.40 12.53
C7 EXA B 83 10.92 -1.00 13.72
C8 EXA B 83 9.54 -0.91 14.35
C9 EXA B 83 12.10 -1.56 14.51
O10 EXA B 83 9.29 -1.44 15.47
O11 EXA B 83 8.63 -0.42 13.66
N THR B 84 8.10 -6.99 6.55
CA THR B 84 7.44 -8.08 5.83
C THR B 84 8.45 -9.12 5.35
N ARG B 85 9.61 -8.67 4.86
CA ARG B 85 10.64 -9.61 4.40
C ARG B 85 11.10 -10.51 5.53
N LYS B 86 11.34 -9.92 6.71
CA LYS B 86 11.78 -10.69 7.87
C LYS B 86 10.72 -11.68 8.32
N LEU B 87 9.44 -11.26 8.33
CA LEU B 87 8.39 -12.12 8.83
C LEU B 87 8.20 -13.36 7.97
N GLU B 88 8.56 -13.33 6.68
CA GLU B 88 8.44 -14.54 5.85
C GLU B 88 9.31 -15.67 6.39
N PHE B 89 10.49 -15.34 6.94
CA PHE B 89 11.39 -16.33 7.52
C PHE B 89 11.07 -16.58 8.99
N LEU B 90 10.65 -15.57 9.74
CA LEU B 90 10.39 -15.75 11.17
C LEU B 90 9.16 -16.62 11.41
N LEU B 91 8.08 -16.38 10.66
CA LEU B 91 6.88 -17.14 10.90
C LEU B 91 6.96 -18.54 10.28
N ALA B 92 7.76 -18.72 9.22
CA ALA B 92 8.01 -20.08 8.75
C ALA B 92 8.71 -20.90 9.83
N ASP B 93 9.69 -20.28 10.51
CA ASP B 93 10.37 -20.91 11.63
C ASP B 93 9.38 -21.21 12.75
N ALA B 94 8.52 -20.24 13.09
CA ALA B 94 7.55 -20.45 14.14
C ALA B 94 6.61 -21.60 13.81
N GLN B 95 6.25 -21.74 12.54
CA GLN B 95 5.36 -22.81 12.12
C GLN B 95 6.04 -24.16 12.20
N GLN B 96 7.31 -24.23 11.77
CA GLN B 96 8.04 -25.48 11.86
C GLN B 96 8.25 -25.91 13.31
N GLN B 97 8.33 -24.95 14.23
CA GLN B 97 8.43 -25.25 15.65
C GLN B 97 7.08 -25.56 16.28
N GLY B 98 6.00 -25.53 15.51
CA GLY B 98 4.69 -25.76 16.07
C GLY B 98 4.19 -24.72 17.05
N ALA B 99 4.61 -23.47 16.90
CA ALA B 99 4.12 -22.40 17.77
C ALA B 99 2.63 -22.17 17.58
N ASP B 100 1.95 -21.77 18.66
CA ASP B 100 0.51 -21.52 18.61
C ASP B 100 0.15 -20.10 19.05
N VAL B 101 1.13 -19.23 19.27
CA VAL B 101 0.89 -17.83 19.55
C VAL B 101 2.19 -17.09 19.27
N ILE B 102 2.07 -15.84 18.83
CA ILE B 102 3.24 -15.00 18.54
C ILE B 102 3.32 -13.88 19.57
N ILE B 103 4.53 -13.54 19.99
CA ILE B 103 4.81 -12.43 20.89
C ILE B 103 5.82 -11.50 20.23
N THR B 104 5.57 -10.20 20.29
CA THR B 104 6.58 -9.23 19.87
C THR B 104 6.32 -7.91 20.59
N GLN B 105 7.17 -6.91 20.29
CA GLN B 105 7.15 -5.64 21.00
C GLN B 105 7.65 -4.54 20.08
N GLY B 106 7.25 -3.31 20.39
CA GLY B 106 7.80 -2.15 19.71
C GLY B 106 7.34 -0.90 20.43
N ALA B 107 7.80 0.25 19.93
CA ALA B 107 7.24 1.52 20.41
C ALA B 107 5.75 1.61 20.04
N THR B 108 5.07 2.61 20.65
CA THR B 108 3.65 2.86 20.39
C THR B 108 3.29 2.78 18.92
N GLN B 109 3.99 3.53 18.06
CA GLN B 109 3.69 3.61 16.64
C GLN B 109 4.47 2.60 15.79
N SER B 110 4.88 1.48 16.37
CA SER B 110 5.75 0.52 15.69
C SER B 110 5.12 -0.03 14.42
N ASN B 111 5.86 0.06 13.31
CA ASN B 111 5.40 -0.61 12.10
C ASN B 111 5.58 -2.12 12.20
N HIS B 112 6.61 -2.56 12.93
CA HIS B 112 6.88 -4.00 13.08
C HIS B 112 5.74 -4.71 13.78
N VAL B 113 5.20 -4.09 14.84
CA VAL B 113 4.07 -4.69 15.54
C VAL B 113 2.90 -4.89 14.58
N ARG B 114 2.58 -3.86 13.79
CA ARG B 114 1.41 -3.91 12.91
C ARG B 114 1.57 -5.01 11.87
N GLN B 115 2.74 -5.10 11.25
CA GLN B 115 2.98 -6.12 10.24
C GLN B 115 3.01 -7.53 10.83
N THR B 116 3.50 -7.67 12.06
CA THR B 116 3.51 -8.98 12.73
C THR B 116 2.09 -9.47 12.98
N ILE B 117 1.21 -8.60 13.49
CA ILE B 117 -0.16 -9.01 13.78
C ILE B 117 -0.85 -9.45 12.49
N ALA B 118 -0.61 -8.72 11.39
CA ALA B 118 -1.27 -9.02 10.14
C ALA B 118 -0.76 -10.33 9.56
N ALA B 119 0.56 -10.51 9.56
CA ALA B 119 1.14 -11.74 9.02
C ALA B 119 0.72 -12.94 9.86
N ALA B 120 0.75 -12.80 11.19
CA ALA B 120 0.32 -13.91 12.03
C ALA B 120 -1.15 -14.24 11.81
N ALA B 121 -1.97 -13.21 11.61
CA ALA B 121 -3.40 -13.42 11.36
C ALA B 121 -3.63 -14.17 10.04
N LYS B 122 -2.78 -13.90 9.02
CA LYS B 122 -2.87 -14.69 7.79
C LYS B 122 -2.65 -16.17 8.05
N LEU B 123 -1.90 -16.52 9.09
CA LEU B 123 -1.61 -17.90 9.43
C LEU B 123 -2.60 -18.49 10.43
N GLY B 124 -3.59 -17.71 10.88
CA GLY B 124 -4.48 -18.19 11.91
C GLY B 124 -3.92 -18.12 13.32
N LEU B 125 -2.89 -17.31 13.56
CA LEU B 125 -2.27 -17.19 14.86
C LEU B 125 -2.58 -15.83 15.49
N LYS B 126 -2.78 -15.83 16.81
CA LYS B 126 -2.92 -14.57 17.54
C LYS B 126 -1.54 -14.02 17.90
N THR B 127 -1.51 -12.71 18.17
CA THR B 127 -0.27 -11.99 18.48
C THR B 127 -0.46 -11.22 19.78
N LYS B 128 0.36 -11.53 20.77
CA LYS B 128 0.40 -10.79 22.03
C LYS B 128 1.52 -9.76 21.94
N VAL B 129 1.24 -8.53 22.36
CA VAL B 129 2.08 -7.38 22.05
C VAL B 129 2.39 -6.60 23.32
N LEU B 130 3.65 -6.20 23.47
CA LEU B 130 4.07 -5.21 24.47
C LEU B 130 4.54 -3.95 23.76
N LEU B 131 3.88 -2.83 24.01
CA LEU B 131 4.30 -1.55 23.46
C LEU B 131 5.15 -0.77 24.48
N GLU B 132 6.08 0.03 23.97
CA GLU B 132 6.96 0.85 24.78
C GLU B 132 6.68 2.33 24.51
N LYS B 133 6.42 3.09 25.57
CA LYS B 133 6.16 4.53 25.45
C LYS B 133 7.45 5.29 25.19
N ARG B 134 8.05 5.07 24.02
CA ARG B 134 9.30 5.73 23.72
C ARG B 134 9.12 7.22 23.43
N VAL B 135 7.96 7.59 22.90
CA VAL B 135 7.62 8.97 22.58
C VAL B 135 6.31 9.30 23.26
N GLU B 136 6.25 10.44 23.95
CA GLU B 136 5.00 10.82 24.60
C GLU B 136 4.51 12.19 24.17
N ASP B 137 4.95 12.66 23.01
CA ASP B 137 4.46 13.90 22.42
C ASP B 137 3.32 13.61 21.46
N TYR B 138 2.90 14.63 20.72
CA TYR B 138 2.00 14.54 19.57
C TYR B 138 0.60 14.07 19.91
N GLY B 139 0.26 13.94 21.20
CA GLY B 139 -1.12 13.91 21.64
C GLY B 139 -1.91 12.65 21.29
N GLU B 140 -3.22 12.83 21.11
CA GLU B 140 -4.14 11.71 20.99
C GLU B 140 -3.90 10.90 19.71
N ASP B 141 -3.62 11.57 18.60
CA ASP B 141 -3.42 10.86 17.34
C ASP B 141 -2.23 9.92 17.42
N TYR B 142 -1.20 10.31 18.16
CA TYR B 142 -0.05 9.43 18.33
C TYR B 142 -0.40 8.22 19.18
N GLN B 143 -1.29 8.39 20.15
CA GLN B 143 -1.66 7.28 21.03
C GLN B 143 -2.70 6.35 20.42
N ARG B 144 -3.49 6.81 19.44
CA ARG B 144 -4.68 6.09 19.00
C ARG B 144 -4.84 5.94 17.50
N SER B 145 -4.20 6.76 16.69
CA SER B 145 -4.33 6.64 15.24
C SER B 145 -3.13 5.85 14.69
N GLY B 146 -2.85 6.00 13.40
CA GLY B 146 -1.66 5.39 12.83
C GLY B 146 -1.62 3.89 13.04
N ASN B 147 -0.44 3.40 13.42
CA ASN B 147 -0.27 1.96 13.58
C ASN B 147 -1.10 1.40 14.72
N VAL B 148 -1.44 2.24 15.72
CA VAL B 148 -2.26 1.74 16.83
C VAL B 148 -3.66 1.36 16.36
N LEU B 149 -4.28 2.24 15.56
CA LEU B 149 -5.59 1.92 15.00
C LEU B 149 -5.52 0.63 14.19
N LEU B 150 -4.49 0.50 13.34
CA LEU B 150 -4.33 -0.73 12.57
C LEU B 150 -4.14 -1.95 13.48
N ASP B 151 -3.28 -1.82 14.51
CA ASP B 151 -3.09 -2.90 15.47
C ASP B 151 -4.43 -3.41 15.98
N ASN B 152 -5.32 -2.48 16.34
CA ASN B 152 -6.60 -2.85 16.94
C ASN B 152 -7.52 -3.47 15.90
N LEU B 153 -7.62 -2.85 14.71
N LEU B 153 -7.62 -2.85 14.71
CA LEU B 153 -8.43 -3.42 13.64
CA LEU B 153 -8.42 -3.43 13.64
C LEU B 153 -7.98 -4.84 13.29
C LEU B 153 -7.97 -4.85 13.31
N LEU B 154 -6.66 -5.09 13.30
CA LEU B 154 -6.12 -6.39 12.93
C LEU B 154 -6.31 -7.46 14.01
N GLY B 155 -6.75 -7.08 15.21
CA GLY B 155 -6.98 -8.03 16.26
C GLY B 155 -5.83 -8.29 17.20
N GLY B 156 -4.77 -7.47 17.16
CA GLY B 156 -3.66 -7.68 18.08
C GLY B 156 -4.09 -7.60 19.54
N ASP B 157 -3.39 -8.36 20.37
CA ASP B 157 -3.67 -8.42 21.81
C ASP B 157 -2.57 -7.62 22.50
N ILE B 158 -2.84 -6.35 22.79
CA ILE B 158 -1.83 -5.46 23.37
C ILE B 158 -1.86 -5.65 24.88
N ILE B 159 -0.89 -6.39 25.40
CA ILE B 159 -0.92 -6.77 26.80
C ILE B 159 -0.69 -5.56 27.71
N ASP B 160 0.19 -4.64 27.29
CA ASP B 160 0.62 -3.57 28.18
C ASP B 160 1.32 -2.47 27.38
N HIS B 161 1.41 -1.30 27.99
CA HIS B 161 2.12 -0.14 27.44
C HIS B 161 3.15 0.28 28.49
N LEU B 162 4.44 -0.12 28.29
CA LEU B 162 5.49 -0.06 29.31
C LEU B 162 6.31 1.22 29.21
N PRO B 163 6.87 1.69 30.33
CA PRO B 163 7.62 2.95 30.31
C PRO B 163 8.90 2.86 29.49
N ALA B 164 9.31 4.01 28.94
CA ALA B 164 10.53 4.06 28.15
C ALA B 164 11.72 3.59 28.99
N GLY B 165 12.66 2.92 28.33
CA GLY B 165 13.78 2.32 29.02
C GLY B 165 13.53 0.93 29.58
N THR B 166 12.29 0.43 29.55
CA THR B 166 12.03 -0.93 30.01
C THR B 166 12.80 -1.94 29.16
N ASP B 167 13.33 -2.99 29.80
CA ASP B 167 13.94 -4.09 29.06
C ASP B 167 12.83 -4.89 28.39
N MET B 168 12.60 -4.61 27.10
CA MET B 168 11.44 -5.17 26.41
C MET B 168 11.64 -6.65 26.08
N GLN B 169 12.87 -7.06 25.76
CA GLN B 169 13.11 -8.49 25.53
C GLN B 169 12.76 -9.30 26.78
N GLN B 170 13.22 -8.82 27.95
CA GLN B 170 12.91 -9.50 29.20
C GLN B 170 11.41 -9.49 29.49
N ALA B 171 10.75 -8.36 29.25
CA ALA B 171 9.31 -8.30 29.44
C ALA B 171 8.61 -9.35 28.58
N MET B 172 9.13 -9.57 27.37
CA MET B 172 8.52 -10.58 26.50
C MET B 172 8.79 -11.99 27.02
N GLU B 173 10.02 -12.26 27.46
CA GLU B 173 10.35 -13.57 28.00
C GLU B 173 9.46 -13.91 29.21
N THR B 174 9.19 -12.93 30.06
CA THR B 174 8.31 -13.15 31.21
C THR B 174 6.89 -13.48 30.74
N LEU B 175 6.40 -12.74 29.75
CA LEU B 175 5.08 -13.02 29.20
C LEU B 175 5.01 -14.42 28.59
N ALA B 176 6.07 -14.81 27.87
CA ALA B 176 6.10 -16.13 27.26
C ALA B 176 6.05 -17.22 28.31
N GLU B 177 6.92 -17.14 29.32
CA GLU B 177 6.95 -18.17 30.36
C GLU B 177 5.60 -18.29 31.04
N SER B 178 4.95 -17.15 31.33
CA SER B 178 3.61 -17.18 31.88
C SER B 178 2.63 -17.87 30.93
N LEU B 179 2.81 -17.68 29.62
CA LEU B 179 1.92 -18.29 28.65
C LEU B 179 2.12 -19.80 28.58
N ARG B 180 3.38 -20.24 28.57
CA ARG B 180 3.68 -21.66 28.60
C ARG B 180 3.00 -22.35 29.76
N LYS B 181 2.92 -21.67 30.91
CA LYS B 181 2.24 -22.25 32.07
C LYS B 181 0.76 -22.49 31.78
N GLU B 182 0.19 -21.74 30.84
CA GLU B 182 -1.19 -21.95 30.43
C GLU B 182 -1.33 -22.92 29.25
N GLY B 183 -0.23 -23.51 28.79
CA GLY B 183 -0.28 -24.48 27.71
C GLY B 183 0.18 -23.99 26.36
N PHE B 184 0.51 -22.71 26.22
CA PHE B 184 0.90 -22.16 24.93
C PHE B 184 2.31 -22.60 24.56
N LYS B 185 2.60 -22.52 23.25
CA LYS B 185 3.95 -22.65 22.71
C LYS B 185 4.27 -21.34 21.98
N PRO B 186 4.68 -20.30 22.71
CA PRO B 186 4.97 -19.01 22.07
C PRO B 186 6.27 -19.02 21.28
N TYR B 187 6.27 -18.19 20.23
CA TYR B 187 7.48 -17.85 19.50
C TYR B 187 7.68 -16.36 19.69
N VAL B 188 8.78 -15.98 20.35
CA VAL B 188 9.06 -14.60 20.69
C VAL B 188 9.88 -14.00 19.56
N ILE B 189 9.35 -12.95 18.94
CA ILE B 189 10.07 -12.22 17.88
C ILE B 189 10.72 -11.01 18.54
N PRO B 190 12.04 -10.84 18.44
CA PRO B 190 12.68 -9.67 19.05
C PRO B 190 12.28 -8.38 18.32
N GLY B 191 12.62 -7.26 18.96
CA GLY B 191 12.28 -5.95 18.43
C GLY B 191 12.70 -5.79 16.98
N GLY B 192 11.82 -5.24 16.15
CA GLY B 192 12.11 -5.10 14.73
C GLY B 192 12.27 -6.39 13.96
N GLY B 193 12.00 -7.53 14.61
CA GLY B 193 12.26 -8.81 13.98
C GLY B 193 13.71 -9.06 13.64
N SER B 194 14.63 -8.39 14.35
CA SER B 194 16.05 -8.43 14.01
C SER B 194 16.75 -9.57 14.76
N SER B 195 16.39 -10.79 14.38
CA SER B 195 17.12 -11.99 14.74
C SER B 195 17.88 -12.49 13.52
N PRO B 196 18.78 -13.46 13.68
CA PRO B 196 19.43 -14.02 12.48
C PRO B 196 18.42 -14.61 11.50
N VAL B 197 17.38 -15.28 12.01
CA VAL B 197 16.30 -15.78 11.13
C VAL B 197 15.66 -14.61 10.39
N GLY B 198 15.30 -13.55 11.11
CA GLY B 198 14.71 -12.37 10.48
C GLY B 198 15.62 -11.72 9.45
N ALA B 199 16.93 -11.64 9.76
CA ALA B 199 17.88 -11.01 8.84
C ALA B 199 17.97 -11.73 7.51
N LEU B 200 17.60 -13.02 7.46
CA LEU B 200 17.57 -13.74 6.18
C LEU B 200 16.68 -13.04 5.16
N GLY B 201 15.64 -12.33 5.63
CA GLY B 201 14.78 -11.61 4.71
C GLY B 201 15.52 -10.57 3.88
N TYR B 202 16.55 -9.95 4.46
CA TYR B 202 17.28 -8.95 3.69
C TYR B 202 18.55 -9.52 3.06
N VAL B 203 19.00 -10.70 3.49
CA VAL B 203 19.88 -11.47 2.61
C VAL B 203 19.17 -11.76 1.28
N ALA B 204 17.90 -12.17 1.35
CA ALA B 204 17.11 -12.36 0.12
C ALA B 204 16.95 -11.07 -0.67
N CYS B 205 16.74 -9.93 0.00
CA CYS B 205 16.60 -8.66 -0.74
C CYS B 205 17.86 -8.32 -1.53
N ALA B 206 19.04 -8.57 -0.94
CA ALA B 206 20.28 -8.32 -1.67
C ALA B 206 20.31 -9.09 -2.99
N GLU B 207 19.99 -10.38 -2.95
CA GLU B 207 19.93 -11.18 -4.18
C GLU B 207 18.93 -10.60 -5.15
N GLU B 208 17.73 -10.29 -4.66
CA GLU B 208 16.71 -9.62 -5.46
C GLU B 208 17.27 -8.38 -6.14
N LEU B 209 17.97 -7.55 -5.36
CA LEU B 209 18.56 -6.32 -5.89
C LEU B 209 19.58 -6.60 -6.97
N LEU B 210 20.39 -7.65 -6.79
CA LEU B 210 21.43 -7.94 -7.79
C LEU B 210 20.81 -8.45 -9.09
N PHE B 211 19.81 -9.31 -8.98
CA PHE B 211 19.07 -9.76 -10.16
C PHE B 211 18.41 -8.59 -10.89
N GLN B 212 17.79 -7.67 -10.14
CA GLN B 212 17.15 -6.52 -10.78
C GLN B 212 18.16 -5.63 -11.51
N SER B 213 19.31 -5.36 -10.89
CA SER B 213 20.28 -4.49 -11.53
C SER B 213 20.89 -5.16 -12.75
N SER B 214 21.13 -6.47 -12.67
CA SER B 214 21.54 -7.20 -13.87
C SER B 214 20.47 -7.11 -14.94
N GLN B 215 19.21 -7.36 -14.58
CA GLN B 215 18.12 -7.30 -15.54
C GLN B 215 17.97 -5.90 -16.14
N GLN B 216 18.13 -4.86 -15.33
CA GLN B 216 17.95 -3.50 -15.81
C GLN B 216 19.23 -2.89 -16.35
N ARG B 217 20.32 -3.67 -16.36
CA ARG B 217 21.64 -3.18 -16.79
C ARG B 217 22.01 -1.91 -16.03
N LEU B 218 21.88 -1.98 -14.72
CA LEU B 218 22.04 -0.82 -13.85
C LEU B 218 23.23 -1.05 -12.92
N ARG B 219 24.26 -0.23 -13.08
CA ARG B 219 25.38 -0.25 -12.16
C ARG B 219 24.98 0.50 -10.89
N ILE B 220 24.99 -0.21 -9.76
CA ILE B 220 24.59 0.35 -8.47
C ILE B 220 25.85 0.78 -7.71
N ASP B 221 26.02 2.08 -7.54
CA ASP B 221 27.24 2.60 -6.93
C ASP B 221 27.14 2.69 -5.41
N HIS B 222 25.93 2.84 -4.87
N HIS B 222 25.93 2.80 -4.86
CA HIS B 222 25.73 3.00 -3.44
CA HIS B 222 25.79 2.91 -3.42
C HIS B 222 24.33 2.53 -3.08
C HIS B 222 24.35 2.60 -3.04
N ILE B 223 24.19 1.94 -1.90
CA ILE B 223 22.89 1.65 -1.32
C ILE B 223 22.80 2.40 0.00
N VAL B 224 21.67 3.06 0.24
CA VAL B 224 21.46 3.87 1.44
C VAL B 224 20.07 3.56 1.99
N HIS B 225 19.97 3.42 3.31
CA HIS B 225 18.66 3.17 3.93
C HIS B 225 18.73 3.51 5.41
N ALA B 226 17.56 3.66 6.02
CA ALA B 226 17.44 3.96 7.44
C ALA B 226 17.68 2.70 8.27
N THR B 227 18.56 2.80 9.28
CA THR B 227 18.95 1.63 10.07
C THR B 227 18.59 1.85 11.54
N GLY B 228 17.88 0.87 12.10
CA GLY B 228 17.35 0.92 13.46
C GLY B 228 17.68 -0.32 14.28
N SER B 229 16.79 -1.33 14.27
CA SER B 229 17.01 -2.55 15.05
C SER B 229 18.07 -3.48 14.43
N THR B 230 18.59 -3.16 13.24
CA THR B 230 19.81 -3.68 12.59
C THR B 230 19.59 -4.81 11.59
N GLY B 231 18.43 -5.49 11.65
CA GLY B 231 18.22 -6.63 10.78
C GLY B 231 18.28 -6.31 9.29
N THR B 232 17.77 -5.15 8.90
CA THR B 232 17.78 -4.81 7.48
C THR B 232 19.22 -4.62 6.99
N GLN B 233 20.00 -3.79 7.70
CA GLN B 233 21.38 -3.57 7.30
C GLN B 233 22.18 -4.86 7.38
N ALA B 234 22.00 -5.63 8.46
CA ALA B 234 22.81 -6.84 8.63
C ALA B 234 22.55 -7.83 7.51
N GLY B 235 21.27 -8.08 7.19
CA GLY B 235 20.94 -8.97 6.09
C GLY B 235 21.52 -8.50 4.76
N LEU B 236 21.33 -7.22 4.44
CA LEU B 236 21.88 -6.69 3.20
C LEU B 236 23.40 -6.80 3.15
N VAL B 237 24.06 -6.51 4.26
CA VAL B 237 25.52 -6.61 4.31
C VAL B 237 25.97 -8.04 4.07
N THR B 238 25.32 -8.99 4.77
CA THR B 238 25.68 -10.39 4.61
C THR B 238 25.49 -10.84 3.18
N GLY B 239 24.41 -10.40 2.54
CA GLY B 239 24.13 -10.84 1.18
C GLY B 239 25.09 -10.23 0.17
N LEU B 240 25.38 -8.94 0.30
CA LEU B 240 26.27 -8.30 -0.65
C LEU B 240 27.69 -8.83 -0.51
N ALA B 241 28.09 -9.19 0.71
CA ALA B 241 29.44 -9.72 0.91
C ALA B 241 29.52 -11.17 0.46
N ALA B 242 28.52 -11.98 0.83
CA ALA B 242 28.50 -13.38 0.41
C ALA B 242 28.64 -13.52 -1.09
N THR B 243 27.93 -12.69 -1.86
CA THR B 243 28.02 -12.72 -3.31
C THR B 243 29.21 -11.94 -3.86
N HIS B 244 30.09 -11.42 -2.99
CA HIS B 244 31.27 -10.67 -3.41
C HIS B 244 30.90 -9.49 -4.33
N SER B 245 29.85 -8.75 -3.98
CA SER B 245 29.25 -7.84 -4.94
C SER B 245 29.99 -6.51 -5.06
N GLN B 246 30.61 -6.03 -3.97
CA GLN B 246 31.36 -4.77 -3.94
C GLN B 246 30.46 -3.54 -4.14
N ILE B 247 29.23 -3.58 -3.68
CA ILE B 247 28.37 -2.40 -3.61
C ILE B 247 28.46 -1.85 -2.21
N PRO B 248 28.90 -0.61 -1.99
CA PRO B 248 28.97 -0.06 -0.63
C PRO B 248 27.57 0.25 -0.11
N LEU B 249 27.39 0.04 1.19
CA LEU B 249 26.11 0.22 1.86
C LEU B 249 26.29 1.14 3.07
N LEU B 250 25.44 2.18 3.15
CA LEU B 250 25.44 3.11 4.26
C LEU B 250 24.09 3.10 4.97
N GLY B 251 24.10 2.81 6.27
CA GLY B 251 22.92 2.93 7.10
C GLY B 251 22.85 4.29 7.77
N ILE B 252 21.68 4.94 7.62
CA ILE B 252 21.38 6.20 8.30
C ILE B 252 20.67 5.84 9.60
N SER B 253 21.35 6.04 10.74
CA SER B 253 20.77 5.64 12.02
C SER B 253 19.55 6.47 12.38
N VAL B 254 18.60 5.86 13.08
CA VAL B 254 17.39 6.56 13.52
C VAL B 254 17.40 6.81 15.02
N ARG B 255 18.46 6.41 15.71
CA ARG B 255 18.49 6.54 17.17
C ARG B 255 19.91 6.46 17.73
N ALA B 256 20.63 5.34 17.50
CA ALA B 256 21.89 5.05 18.17
C ALA B 256 23.07 5.74 17.50
N PRO B 257 24.11 6.09 18.27
CA PRO B 257 25.31 6.67 17.66
C PRO B 257 26.04 5.69 16.75
N LYS B 258 26.86 6.27 15.87
CA LYS B 258 27.51 5.54 14.79
C LYS B 258 28.23 4.28 15.28
N ALA B 259 29.10 4.42 16.28
CA ALA B 259 29.93 3.29 16.68
C ALA B 259 29.08 2.16 17.26
N LYS B 260 28.18 2.50 18.18
CA LYS B 260 27.28 1.51 18.75
C LYS B 260 26.45 0.82 17.66
N GLN B 261 25.92 1.60 16.71
CA GLN B 261 25.10 1.00 15.67
C GLN B 261 25.92 0.07 14.79
N GLU B 262 27.12 0.49 14.40
CA GLU B 262 28.00 -0.34 13.58
C GLU B 262 28.35 -1.62 14.30
N GLU B 263 28.53 -1.54 15.62
CA GLU B 263 28.87 -2.72 16.42
C GLU B 263 27.73 -3.72 16.41
N ASN B 264 26.49 -3.24 16.58
CA ASN B 264 25.34 -4.14 16.60
C ASN B 264 25.03 -4.69 15.22
N VAL B 265 25.08 -3.84 14.19
CA VAL B 265 24.86 -4.33 12.82
C VAL B 265 25.87 -5.42 12.50
N TYR B 266 27.16 -5.19 12.80
CA TYR B 266 28.19 -6.17 12.49
C TYR B 266 27.95 -7.49 13.23
N ALA B 267 27.56 -7.41 14.50
CA ALA B 267 27.36 -8.62 15.29
C ALA B 267 26.24 -9.48 14.71
N LEU B 268 25.10 -8.85 14.41
CA LEU B 268 23.99 -9.60 13.83
C LEU B 268 24.34 -10.12 12.44
N ALA B 269 25.05 -9.31 11.64
CA ALA B 269 25.49 -9.77 10.33
C ALA B 269 26.48 -10.93 10.44
N GLN B 270 27.34 -10.92 11.45
CA GLN B 270 28.22 -12.07 11.64
C GLN B 270 27.41 -13.32 11.99
N ARG B 271 26.47 -13.19 12.94
CA ARG B 271 25.63 -14.33 13.32
C ARG B 271 24.82 -14.86 12.14
N THR B 272 24.29 -13.96 11.31
CA THR B 272 23.57 -14.36 10.12
C THR B 272 24.51 -15.05 9.14
N TRP B 273 25.74 -14.55 9.05
CA TRP B 273 26.79 -15.21 8.27
C TRP B 273 27.02 -16.63 8.77
N GLN B 274 27.04 -16.82 10.09
CA GLN B 274 27.18 -18.17 10.66
C GLN B 274 26.00 -19.04 10.25
N LEU B 275 24.78 -18.56 10.50
CA LEU B 275 23.57 -19.35 10.26
C LEU B 275 23.48 -19.82 8.81
N LEU B 276 23.91 -18.99 7.86
CA LEU B 276 23.98 -19.40 6.46
C LEU B 276 25.13 -20.35 6.18
N GLY B 277 25.96 -20.67 7.18
CA GLY B 277 27.05 -21.60 7.01
C GLY B 277 28.01 -21.22 5.90
N ILE B 278 28.23 -19.92 5.72
CA ILE B 278 29.18 -19.43 4.73
C ILE B 278 30.55 -19.36 5.41
N PRO B 279 31.63 -19.79 4.75
CA PRO B 279 32.90 -19.94 5.45
C PRO B 279 33.61 -18.62 5.67
N GLY B 280 34.24 -18.50 6.83
CA GLY B 280 35.10 -17.36 7.11
C GLY B 280 34.44 -16.29 7.94
N GLU B 281 34.75 -15.03 7.63
CA GLU B 281 34.25 -13.91 8.41
C GLU B 281 33.85 -12.77 7.48
N LEU B 282 33.01 -11.93 7.99
CA LEU B 282 32.51 -10.77 7.29
C LEU B 282 33.48 -9.61 7.46
N PRO B 283 33.85 -8.92 6.38
CA PRO B 283 34.77 -7.78 6.51
C PRO B 283 34.14 -6.65 7.32
N ARG B 284 34.88 -6.17 8.32
CA ARG B 284 34.38 -5.08 9.16
C ARG B 284 34.19 -3.80 8.36
N SER B 285 34.99 -3.60 7.32
CA SER B 285 34.81 -2.45 6.44
C SER B 285 33.47 -2.44 5.73
N ALA B 286 32.71 -3.53 5.78
CA ALA B 286 31.42 -3.59 5.09
C ALA B 286 30.31 -2.91 5.86
N VAL B 287 30.50 -2.58 7.13
CA VAL B 287 29.47 -2.03 8.00
C VAL B 287 29.79 -0.55 8.23
N ARG B 288 28.92 0.33 7.70
CA ARG B 288 29.09 1.78 7.81
C ARG B 288 27.75 2.41 8.19
N VAL B 289 27.77 3.23 9.24
CA VAL B 289 26.58 3.92 9.75
C VAL B 289 26.90 5.41 9.87
N ASN B 290 25.94 6.24 9.52
CA ASN B 290 26.00 7.69 9.70
C ASN B 290 24.90 8.08 10.66
N SER B 291 25.27 8.70 11.79
CA SER B 291 24.30 9.05 12.82
C SER B 291 24.13 10.56 12.98
N ASP B 292 24.44 11.34 11.96
CA ASP B 292 24.24 12.78 12.03
C ASP B 292 22.77 13.20 11.87
N TYR B 293 21.88 12.26 11.56
CA TYR B 293 20.50 12.60 11.22
C TYR B 293 19.52 12.07 12.24
N VAL B 294 20.01 11.65 13.40
CA VAL B 294 19.13 11.18 14.48
C VAL B 294 18.33 12.34 15.05
N GLY B 295 18.94 13.52 15.18
CA GLY B 295 18.22 14.63 15.77
C GLY B 295 18.10 14.44 17.26
N LYS B 296 16.95 14.82 17.81
CA LYS B 296 16.78 14.75 19.27
C LYS B 296 16.56 13.34 19.78
N GLY B 297 16.22 12.39 18.93
CA GLY B 297 16.10 11.01 19.36
C GLY B 297 15.03 10.26 18.57
N TYR B 298 14.81 9.01 18.98
CA TYR B 298 13.85 8.14 18.31
C TYR B 298 12.48 8.79 18.25
N GLY B 299 11.89 8.79 17.06
CA GLY B 299 10.53 9.28 16.91
C GLY B 299 10.35 10.79 16.92
N ILE B 300 11.44 11.55 16.96
CA ILE B 300 11.36 13.01 16.92
C ILE B 300 11.97 13.46 15.59
N PRO B 301 11.18 13.98 14.65
CA PRO B 301 11.75 14.35 13.35
C PRO B 301 12.59 15.62 13.43
N THR B 302 13.51 15.74 12.49
CA THR B 302 14.27 16.97 12.35
C THR B 302 13.66 17.82 11.24
N GLU B 303 14.15 19.06 11.13
CA GLU B 303 13.71 19.91 10.02
C GLU B 303 14.03 19.26 8.69
N GLY B 304 15.20 18.63 8.60
CA GLY B 304 15.56 17.93 7.39
C GLY B 304 14.61 16.77 7.08
N THR B 305 14.13 16.09 8.13
CA THR B 305 13.14 15.03 7.94
C THR B 305 11.87 15.56 7.31
N LEU B 306 11.32 16.64 7.87
CA LEU B 306 10.11 17.24 7.31
C LEU B 306 10.33 17.69 5.88
N GLU B 307 11.52 18.23 5.59
CA GLU B 307 11.82 18.65 4.22
C GLU B 307 11.87 17.45 3.29
N ALA B 308 12.49 16.36 3.74
CA ALA B 308 12.53 15.14 2.95
C ALA B 308 11.12 14.61 2.68
N LEU B 309 10.26 14.62 3.70
CA LEU B 309 8.87 14.22 3.49
C LEU B 309 8.17 15.09 2.44
N ARG B 310 8.36 16.40 2.50
CA ARG B 310 7.71 17.29 1.55
C ARG B 310 8.23 17.05 0.12
N LEU B 311 9.55 16.95 -0.03
CA LEU B 311 10.13 16.81 -1.36
C LEU B 311 9.73 15.51 -2.03
N LEU B 312 9.79 14.39 -1.29
CA LEU B 312 9.41 13.11 -1.90
C LEU B 312 7.93 13.09 -2.26
N ALA B 313 7.07 13.64 -1.40
CA ALA B 313 5.64 13.64 -1.71
C ALA B 313 5.33 14.50 -2.93
N GLN B 314 5.92 15.69 -3.01
CA GLN B 314 5.49 16.62 -4.05
C GLN B 314 6.31 16.52 -5.33
N LEU B 315 7.48 15.89 -5.30
CA LEU B 315 8.23 15.64 -6.53
C LEU B 315 7.95 14.26 -7.12
N GLU B 316 7.65 13.27 -6.27
CA GLU B 316 7.55 11.90 -6.73
C GLU B 316 6.27 11.19 -6.30
N GLY B 317 5.38 11.85 -5.57
CA GLY B 317 4.17 11.19 -5.10
C GLY B 317 4.42 10.08 -4.10
N ILE B 318 5.59 10.08 -3.46
CA ILE B 318 6.04 9.03 -2.54
C ILE B 318 5.83 9.49 -1.10
N LEU B 319 5.28 8.61 -0.26
CA LEU B 319 5.07 8.90 1.15
C LEU B 319 6.19 8.28 2.00
N LEU B 320 6.97 9.12 2.66
CA LEU B 320 7.93 8.65 3.67
C LEU B 320 7.27 8.75 5.05
N ASP B 321 8.02 8.52 6.11
CA ASP B 321 7.51 8.62 7.46
C ASP B 321 8.46 9.40 8.35
N PRO B 322 7.95 10.07 9.39
CA PRO B 322 8.80 10.97 10.19
C PRO B 322 9.75 10.28 11.16
N VAL B 323 9.66 8.97 11.35
CA VAL B 323 10.50 8.26 12.30
C VAL B 323 11.70 7.61 11.60
N TYR B 324 11.49 6.99 10.44
CA TYR B 324 12.50 6.14 9.85
C TYR B 324 12.91 6.56 8.44
N SER B 325 12.05 6.27 7.44
CA SER B 325 12.44 6.48 6.06
C SER B 325 12.68 7.95 5.77
N GLY B 326 11.96 8.85 6.46
CA GLY B 326 12.21 10.27 6.28
C GLY B 326 13.57 10.71 6.80
N LYS B 327 14.06 10.08 7.87
CA LYS B 327 15.41 10.38 8.35
C LYS B 327 16.45 9.83 7.40
N GLY B 328 16.23 8.62 6.87
CA GLY B 328 17.17 8.06 5.92
C GLY B 328 17.30 8.90 4.68
N MET B 329 16.17 9.37 4.15
CA MET B 329 16.20 10.23 2.97
C MET B 329 16.82 11.58 3.29
N ALA B 330 16.54 12.12 4.49
CA ALA B 330 17.18 13.38 4.89
C ALA B 330 18.70 13.24 4.90
N GLY B 331 19.21 12.11 5.39
CA GLY B 331 20.64 11.86 5.31
C GLY B 331 21.15 11.82 3.88
N LEU B 332 20.44 11.10 3.00
CA LEU B 332 20.85 11.01 1.61
C LEU B 332 20.88 12.39 0.95
N ILE B 333 19.82 13.17 1.15
CA ILE B 333 19.75 14.51 0.56
C ILE B 333 20.91 15.38 1.08
N ASP B 334 21.19 15.30 2.37
CA ASP B 334 22.24 16.17 2.93
C ASP B 334 23.62 15.74 2.45
N LEU B 335 23.87 14.43 2.38
CA LEU B 335 25.14 13.93 1.87
C LEU B 335 25.35 14.33 0.42
N ILE B 336 24.27 14.36 -0.37
CA ILE B 336 24.36 14.83 -1.75
C ILE B 336 24.70 16.31 -1.78
N ARG B 337 24.01 17.11 -0.96
CA ARG B 337 24.28 18.54 -0.88
C ARG B 337 25.71 18.83 -0.44
N GLN B 338 26.32 17.96 0.36
CA GLN B 338 27.69 18.11 0.84
C GLN B 338 28.74 17.57 -0.13
N GLY B 339 28.33 17.08 -1.29
CA GLY B 339 29.28 16.67 -2.33
C GLY B 339 29.81 15.26 -2.23
N HIS B 340 29.14 14.36 -1.51
CA HIS B 340 29.67 13.02 -1.33
C HIS B 340 29.50 12.10 -2.54
N PHE B 341 28.73 12.50 -3.55
CA PHE B 341 28.43 11.62 -4.67
C PHE B 341 28.63 12.36 -5.99
N ARG B 342 29.22 11.68 -6.96
CA ARG B 342 29.40 12.27 -8.28
C ARG B 342 28.10 12.20 -9.08
N ALA B 343 28.01 13.06 -10.10
CA ALA B 343 26.79 13.13 -10.90
C ALA B 343 26.54 11.88 -11.72
N ASP B 344 27.58 11.10 -12.03
CA ASP B 344 27.42 9.88 -12.80
C ASP B 344 27.29 8.65 -11.93
N GLU B 345 27.09 8.83 -10.62
CA GLU B 345 26.81 7.72 -9.72
C GLU B 345 25.31 7.42 -9.68
N ASN B 346 25.00 6.15 -9.37
CA ASN B 346 23.63 5.66 -9.24
C ASN B 346 23.46 5.19 -7.81
N ILE B 347 22.61 5.89 -7.05
CA ILE B 347 22.38 5.58 -5.65
C ILE B 347 21.04 4.85 -5.54
N VAL B 348 20.99 3.77 -4.77
CA VAL B 348 19.73 3.07 -4.50
C VAL B 348 19.34 3.36 -3.07
N PHE B 349 18.23 4.07 -2.90
CA PHE B 349 17.62 4.28 -1.59
C PHE B 349 16.56 3.21 -1.36
N ILE B 350 16.66 2.50 -0.24
CA ILE B 350 15.68 1.49 0.11
C ILE B 350 14.57 2.17 0.92
N HIS B 351 13.38 2.28 0.33
CA HIS B 351 12.21 2.71 1.08
C HIS B 351 11.77 1.55 1.95
N THR B 352 11.99 1.67 3.25
CA THR B 352 11.69 0.65 4.24
C THR B 352 10.25 0.73 4.75
N GLY B 353 9.50 1.77 4.37
CA GLY B 353 8.07 1.83 4.66
C GLY B 353 7.71 2.93 5.62
N GLY B 354 6.70 2.70 6.46
CA GLY B 354 6.41 3.57 7.57
C GLY B 354 5.23 4.52 7.41
N SER B 355 4.65 4.58 6.20
CA SER B 355 3.64 5.60 5.90
C SER B 355 2.43 5.53 6.84
N ALA B 356 2.12 4.35 7.40
CA ALA B 356 1.01 4.29 8.35
C ALA B 356 1.26 5.19 9.56
N GLY B 357 2.52 5.39 9.94
CA GLY B 357 2.81 6.24 11.07
C GLY B 357 2.55 7.72 10.82
N LEU B 358 2.44 8.13 9.54
CA LEU B 358 2.09 9.53 9.24
C LEU B 358 0.84 9.96 10.00
N PHE B 359 -0.15 9.06 10.09
CA PHE B 359 -1.39 9.44 10.76
C PHE B 359 -1.21 9.57 12.26
N GLY B 360 -0.25 8.87 12.85
CA GLY B 360 0.10 9.14 14.23
C GLY B 360 0.75 10.48 14.46
N TYR B 361 1.29 11.12 13.42
CA TYR B 361 2.00 12.38 13.56
C TYR B 361 1.18 13.56 13.03
N ARG B 362 -0.14 13.41 12.89
CA ARG B 362 -0.96 14.50 12.37
C ARG B 362 -0.79 15.78 13.18
N GLN B 363 -0.71 15.68 14.50
CA GLN B 363 -0.59 16.89 15.34
C GLN B 363 0.69 17.66 15.03
N LEU B 364 1.74 16.94 14.64
CA LEU B 364 2.96 17.62 14.21
C LEU B 364 2.77 18.33 12.88
N PHE B 365 2.15 17.65 11.90
CA PHE B 365 1.94 18.27 10.60
C PHE B 365 0.99 19.46 10.70
N GLU B 366 0.06 19.45 11.65
CA GLU B 366 -0.77 20.64 11.80
C GLU B 366 -0.03 21.74 12.55
N GLN B 367 0.96 21.35 13.37
CA GLN B 367 2.00 22.24 13.91
C GLN B 367 1.49 23.10 15.06
C FMT C . -30.11 -6.39 -15.42
O1 FMT C . -30.68 -6.29 -14.33
O2 FMT C . -29.08 -7.05 -15.64
C1 EDO D . -7.38 6.63 -30.53
O1 EDO D . -8.01 6.54 -31.80
C2 EDO D . -5.91 6.95 -30.78
O2 EDO D . -5.35 7.52 -29.59
C1 EDO E . -15.56 -9.99 14.01
O1 EDO E . -16.86 -9.39 13.88
C2 EDO E . -14.86 -9.37 15.20
O2 EDO E . -13.55 -9.94 15.37
C FMT F . -15.68 27.26 -7.49
O1 FMT F . -16.15 27.02 -6.38
O2 FMT F . -16.33 27.10 -8.53
C FMT G . -0.45 6.03 -28.46
O1 FMT G . -0.36 7.07 -29.12
O2 FMT G . 0.27 5.04 -28.61
C FMT H . -20.32 -17.49 9.09
O1 FMT H . -21.03 -17.34 8.11
O2 FMT H . -20.15 -16.61 9.94
C1 EDO I . -13.76 -14.34 14.18
O1 EDO I . -14.26 -13.08 14.62
C2 EDO I . -12.49 -14.11 13.37
O2 EDO I . -11.38 -13.94 14.27
C FMT J . -22.92 2.11 11.95
O1 FMT J . -22.68 1.38 12.91
O2 FMT J . -22.16 2.99 11.54
C FMT K . -24.86 11.97 -0.81
O1 FMT K . -25.46 11.23 -1.60
O2 FMT K . -24.34 13.06 -1.11
C FMT L . -7.51 20.85 6.09
O1 FMT L . -6.59 20.68 6.90
O2 FMT L . -7.35 21.10 4.88
C FMT M . 5.95 4.33 -10.43
O1 FMT M . 5.27 3.41 -9.98
O2 FMT M . 6.01 4.66 -11.63
C FMT N . -6.21 -15.68 15.16
O1 FMT N . -7.16 -16.31 15.64
O2 FMT N . -6.18 -14.45 15.06
C FMT O . 20.90 13.05 -12.42
O1 FMT O . 20.91 14.26 -12.65
O2 FMT O . 20.02 12.30 -12.85
C FMT P . 11.26 -17.92 20.19
O1 FMT P . 10.45 -18.04 21.10
O2 FMT P . 11.96 -18.85 19.77
C FMT Q . 3.04 19.80 17.61
O1 FMT Q . 3.61 18.83 18.10
O2 FMT Q . 3.63 20.86 17.34
#